data_4P9X
#
_entry.id   4P9X
#
_cell.length_a   84.173
_cell.length_b   116.028
_cell.length_c   84.255
_cell.angle_alpha   90.000
_cell.angle_beta   95.980
_cell.angle_gamma   90.000
#
_symmetry.space_group_name_H-M   'P 1 21 1'
#
loop_
_entity.id
_entity.type
_entity.pdbx_description
1 polymer Concanavalin-A
2 non-polymer '2-[2-(2-{4-[(alpha-D-glucopyranosyloxy)methyl]-1H-1,2,3-triazol-1-yl}ethoxy)ethoxy]ethyl 2-[3,6-bis(diethylamino)-9H-xanthen-9-yl]benzoate'
3 non-polymer 'MANGANESE (II) ION'
4 non-polymer 'CALCIUM ION'
5 water water
#
_entity_poly.entity_id   1
_entity_poly.type   'polypeptide(L)'
_entity_poly.pdbx_seq_one_letter_code
;ADTIVAVELDTYPNTDIGDPSYPHIGIDIKSVRSKKTAKWNMQNGKVGTAHIIYNSVDKRLSAVVSYPNADSATVSYDVD
LDNVLPEWVRVGLSASTGLYKETNTILSWSFTSKLKSNSTHETNALHFMFNQFSKDQKDLILQGDATTGTDGNLELTRVS
SNGSPQGSSVGRALFYAPVHIWESSAVVASFEATFTFLIKSPDSHPADGIAFFISNIDSSIPSGSTGRLLGLFPDAN
;
_entity_poly.pdbx_strand_id   A,B,C,D
#
# COMPACT_ATOMS: atom_id res chain seq x y z
N ALA A 1 -23.92 -23.24 14.28
CA ALA A 1 -24.50 -22.40 13.20
C ALA A 1 -23.52 -21.25 13.09
N ASP A 2 -23.26 -20.85 11.85
CA ASP A 2 -22.26 -19.85 11.51
C ASP A 2 -22.75 -18.41 11.87
N THR A 3 -21.82 -17.46 12.04
CA THR A 3 -22.21 -16.04 12.24
C THR A 3 -21.85 -15.36 10.95
N ILE A 4 -22.86 -14.84 10.24
CA ILE A 4 -22.71 -14.18 8.95
C ILE A 4 -23.05 -12.69 8.92
N VAL A 5 -22.09 -11.91 8.45
CA VAL A 5 -22.35 -10.49 8.06
C VAL A 5 -22.07 -10.42 6.53
N ALA A 6 -23.07 -10.03 5.73
CA ALA A 6 -22.88 -10.01 4.30
C ALA A 6 -23.44 -8.80 3.56
N VAL A 7 -22.80 -8.50 2.43
CA VAL A 7 -23.34 -7.50 1.48
C VAL A 7 -23.85 -8.37 0.31
N GLU A 8 -25.17 -8.41 0.00
CA GLU A 8 -25.70 -9.31 -1.06
C GLU A 8 -25.99 -8.50 -2.34
N LEU A 9 -25.77 -9.09 -3.50
CA LEU A 9 -26.16 -8.52 -4.79
C LEU A 9 -27.21 -9.55 -5.21
N ASP A 10 -28.48 -9.27 -4.91
CA ASP A 10 -29.53 -10.27 -4.96
C ASP A 10 -30.25 -10.12 -6.31
N THR A 11 -30.04 -11.08 -7.23
CA THR A 11 -30.56 -10.91 -8.61
C THR A 11 -32.01 -11.34 -8.67
N TYR A 12 -32.45 -12.09 -7.69
CA TYR A 12 -33.81 -12.67 -7.80
C TYR A 12 -34.66 -12.39 -6.61
N PRO A 13 -35.80 -11.68 -6.81
CA PRO A 13 -36.75 -11.32 -5.74
C PRO A 13 -37.51 -12.52 -5.24
N ASN A 14 -37.29 -12.88 -3.96
CA ASN A 14 -38.05 -13.88 -3.27
C ASN A 14 -38.93 -13.14 -2.30
N THR A 15 -40.02 -12.56 -2.74
CA THR A 15 -40.85 -11.70 -1.84
C THR A 15 -41.48 -12.43 -0.63
N ASP A 16 -41.53 -13.76 -0.69
CA ASP A 16 -42.07 -14.61 0.39
C ASP A 16 -41.15 -14.71 1.62
N ILE A 17 -39.88 -14.34 1.45
CA ILE A 17 -38.94 -14.19 2.55
C ILE A 17 -38.40 -12.74 2.66
N GLY A 18 -39.20 -11.76 2.24
CA GLY A 18 -38.90 -10.35 2.53
C GLY A 18 -38.08 -9.57 1.52
N ASP A 19 -37.70 -10.19 0.41
CA ASP A 19 -36.96 -9.44 -0.64
C ASP A 19 -37.94 -8.38 -1.18
N PRO A 20 -37.42 -7.20 -1.50
CA PRO A 20 -38.18 -6.30 -2.34
C PRO A 20 -38.55 -6.93 -3.70
N SER A 21 -39.50 -6.30 -4.41
CA SER A 21 -39.93 -6.72 -5.80
C SER A 21 -38.99 -6.59 -7.01
N TYR A 22 -37.71 -6.43 -6.77
CA TYR A 22 -36.81 -6.05 -7.85
C TYR A 22 -35.39 -6.49 -7.44
N PRO A 23 -34.50 -6.81 -8.40
CA PRO A 23 -33.13 -7.04 -7.93
C PRO A 23 -32.65 -5.86 -7.06
N HIS A 24 -31.91 -6.16 -5.99
CA HIS A 24 -31.59 -5.21 -4.95
C HIS A 24 -30.23 -5.56 -4.43
N ILE A 25 -29.45 -4.58 -4.00
CA ILE A 25 -28.31 -4.90 -3.14
C ILE A 25 -28.77 -4.86 -1.65
N GLY A 26 -28.05 -5.54 -0.74
CA GLY A 26 -28.45 -5.43 0.68
C GLY A 26 -27.38 -5.78 1.71
N ILE A 27 -27.56 -5.27 2.92
CA ILE A 27 -26.71 -5.65 4.04
C ILE A 27 -27.42 -6.67 4.92
N ASP A 28 -26.76 -7.84 5.10
CA ASP A 28 -27.32 -8.98 5.82
C ASP A 28 -26.57 -9.12 7.13
N ILE A 29 -27.25 -8.90 8.25
CA ILE A 29 -26.63 -9.11 9.58
C ILE A 29 -27.23 -10.37 10.23
N LYS A 30 -26.50 -11.48 10.18
CA LYS A 30 -26.97 -12.81 10.72
C LYS A 30 -28.35 -13.25 10.20
N SER A 31 -28.81 -12.67 9.08
CA SER A 31 -30.08 -13.10 8.43
C SER A 31 -30.13 -12.73 6.98
N VAL A 32 -30.75 -13.60 6.22
CA VAL A 32 -31.00 -13.39 4.77
C VAL A 32 -32.04 -12.32 4.51
N ARG A 33 -32.90 -12.03 5.51
CA ARG A 33 -33.81 -10.87 5.39
C ARG A 33 -33.00 -9.62 5.64
N SER A 34 -32.47 -9.00 4.58
CA SER A 34 -31.58 -7.84 4.79
C SER A 34 -32.07 -6.78 5.74
N LYS A 35 -31.14 -6.09 6.41
CA LYS A 35 -31.53 -5.00 7.32
C LYS A 35 -31.82 -3.75 6.53
N LYS A 36 -31.15 -3.61 5.39
CA LYS A 36 -31.36 -2.48 4.50
C LYS A 36 -31.04 -2.94 3.06
N THR A 37 -31.88 -2.60 2.11
CA THR A 37 -31.69 -2.90 0.68
C THR A 37 -31.90 -1.61 -0.09
N ALA A 38 -31.40 -1.57 -1.32
CA ALA A 38 -31.65 -0.51 -2.31
C ALA A 38 -31.79 -1.18 -3.67
N LYS A 39 -32.47 -0.50 -4.60
CA LYS A 39 -32.77 -1.07 -5.91
C LYS A 39 -31.47 -1.16 -6.70
N TRP A 40 -31.30 -2.30 -7.33
CA TRP A 40 -30.12 -2.52 -8.16
C TRP A 40 -30.48 -2.99 -9.52
N ASN A 41 -30.16 -2.19 -10.51
CA ASN A 41 -30.26 -2.57 -11.92
C ASN A 41 -29.14 -3.46 -12.43
N MET A 42 -29.20 -4.74 -12.13
CA MET A 42 -28.22 -5.70 -12.63
C MET A 42 -28.24 -5.72 -14.14
N GLN A 43 -27.06 -5.86 -14.74
CA GLN A 43 -26.94 -5.84 -16.20
C GLN A 43 -26.42 -7.16 -16.70
N ASN A 44 -27.32 -7.97 -17.28
CA ASN A 44 -27.02 -9.33 -17.78
C ASN A 44 -25.85 -9.30 -18.75
N GLY A 45 -24.76 -9.99 -18.44
CA GLY A 45 -23.57 -10.00 -19.35
C GLY A 45 -22.52 -8.90 -19.25
N LYS A 46 -22.68 -7.94 -18.35
CA LYS A 46 -21.68 -6.85 -18.22
C LYS A 46 -20.85 -6.98 -16.95
N VAL A 47 -19.60 -6.58 -17.03
CA VAL A 47 -18.74 -6.67 -15.87
C VAL A 47 -19.12 -5.49 -14.95
N GLY A 48 -19.47 -5.74 -13.72
CA GLY A 48 -19.60 -4.62 -12.75
C GLY A 48 -18.65 -4.72 -11.58
N THR A 49 -18.72 -3.74 -10.66
CA THR A 49 -17.76 -3.53 -9.57
C THR A 49 -18.56 -3.37 -8.28
N ALA A 50 -18.11 -3.99 -7.20
CA ALA A 50 -18.65 -3.77 -5.84
C ALA A 50 -17.51 -3.38 -4.88
N HIS A 51 -17.83 -2.45 -3.97
CA HIS A 51 -16.91 -1.90 -2.97
C HIS A 51 -17.67 -1.95 -1.69
N ILE A 52 -17.06 -2.52 -0.66
CA ILE A 52 -17.68 -2.59 0.63
C ILE A 52 -16.73 -1.91 1.62
N ILE A 53 -17.29 -1.15 2.59
CA ILE A 53 -16.41 -0.44 3.52
C ILE A 53 -17.03 -0.36 4.92
N TYR A 54 -16.16 -0.39 5.92
CA TYR A 54 -16.55 -0.23 7.29
C TYR A 54 -15.40 0.38 8.07
N ASN A 55 -15.73 1.20 9.04
CA ASN A 55 -14.73 1.51 10.10
C ASN A 55 -15.37 1.62 11.49
N SER A 56 -14.56 1.39 12.53
CA SER A 56 -14.98 1.27 13.94
C SER A 56 -15.33 2.63 14.57
N VAL A 57 -15.05 3.71 13.86
CA VAL A 57 -15.40 5.03 14.36
C VAL A 57 -16.87 5.40 14.00
N ASP A 58 -17.21 5.36 12.73
CA ASP A 58 -18.60 5.64 12.32
C ASP A 58 -19.44 4.36 12.58
N LYS A 59 -18.81 3.20 12.69
CA LYS A 59 -19.56 1.92 12.86
C LYS A 59 -20.71 1.82 11.82
N ARG A 60 -20.34 1.74 10.54
CA ARG A 60 -21.32 1.88 9.49
C ARG A 60 -20.88 1.07 8.33
N LEU A 61 -21.71 0.09 7.96
CA LEU A 61 -21.28 -0.81 6.96
C LEU A 61 -21.93 -0.34 5.67
N SER A 62 -21.11 -0.17 4.62
CA SER A 62 -21.58 0.50 3.43
C SER A 62 -21.04 -0.18 2.15
N ALA A 63 -21.82 -0.21 1.06
CA ALA A 63 -21.40 -0.86 -0.21
C ALA A 63 -21.95 -0.07 -1.35
N VAL A 64 -21.25 -0.13 -2.46
CA VAL A 64 -21.62 0.55 -3.70
C VAL A 64 -21.43 -0.49 -4.77
N VAL A 65 -22.45 -0.68 -5.62
CA VAL A 65 -22.37 -1.66 -6.71
C VAL A 65 -22.62 -0.85 -7.95
N SER A 66 -21.76 -1.04 -8.96
CA SER A 66 -21.69 -0.11 -10.13
C SER A 66 -21.38 -0.81 -11.48
N TYR A 67 -21.91 -0.27 -12.58
CA TYR A 67 -21.43 -0.61 -13.93
C TYR A 67 -20.94 0.68 -14.58
N PRO A 68 -19.89 0.63 -15.48
CA PRO A 68 -19.44 1.85 -16.21
C PRO A 68 -20.55 2.64 -16.82
N ASN A 69 -20.51 3.97 -16.67
CA ASN A 69 -21.55 4.85 -17.17
C ASN A 69 -22.99 4.61 -16.69
N ALA A 70 -23.22 3.81 -15.65
CA ALA A 70 -24.59 3.84 -15.06
C ALA A 70 -24.58 4.58 -13.72
N ASP A 71 -25.75 5.06 -13.29
CA ASP A 71 -25.97 5.27 -11.84
C ASP A 71 -25.61 4.10 -10.95
N SER A 72 -24.81 4.39 -9.93
CA SER A 72 -24.55 3.48 -8.81
C SER A 72 -25.77 3.17 -7.92
N ALA A 73 -25.76 1.97 -7.40
CA ALA A 73 -26.61 1.48 -6.30
C ALA A 73 -25.81 1.59 -5.00
N THR A 74 -26.43 2.14 -3.96
CA THR A 74 -25.63 2.28 -2.76
C THR A 74 -26.41 1.84 -1.55
N VAL A 75 -25.80 1.21 -0.59
CA VAL A 75 -26.64 0.84 0.60
C VAL A 75 -25.80 0.93 1.88
N SER A 76 -26.39 1.40 2.97
CA SER A 76 -25.62 1.56 4.23
C SER A 76 -26.41 1.14 5.43
N TYR A 77 -25.71 0.75 6.49
CA TYR A 77 -26.42 0.36 7.72
C TYR A 77 -25.50 0.57 8.92
N ASP A 78 -26.02 1.28 9.93
CA ASP A 78 -25.33 1.53 11.19
C ASP A 78 -25.35 0.24 11.99
N VAL A 79 -24.15 -0.23 12.38
CA VAL A 79 -23.97 -1.52 13.09
C VAL A 79 -22.56 -1.60 13.67
N ASP A 80 -22.49 -1.94 14.94
CA ASP A 80 -21.24 -2.11 15.63
C ASP A 80 -20.87 -3.58 15.38
N LEU A 81 -19.97 -3.75 14.42
CA LEU A 81 -19.49 -5.10 14.03
C LEU A 81 -18.80 -5.81 15.18
N ASP A 82 -18.22 -5.05 16.11
CA ASP A 82 -17.72 -5.57 17.42
C ASP A 82 -18.71 -6.39 18.24
N ASN A 83 -20.00 -6.08 18.09
CA ASN A 83 -21.08 -6.63 18.90
C ASN A 83 -21.61 -7.90 18.22
N VAL A 84 -21.27 -8.06 16.93
CA VAL A 84 -21.87 -9.06 16.06
C VAL A 84 -20.94 -10.23 15.77
N LEU A 85 -19.72 -9.90 15.35
CA LEU A 85 -18.80 -10.90 14.79
C LEU A 85 -17.75 -11.29 15.83
N PRO A 86 -17.09 -12.46 15.65
CA PRO A 86 -16.05 -12.72 16.64
C PRO A 86 -14.79 -11.83 16.35
N GLU A 87 -13.81 -11.78 17.26
CA GLU A 87 -12.54 -11.00 17.05
C GLU A 87 -11.84 -11.43 15.74
N TRP A 88 -11.82 -12.74 15.53
CA TRP A 88 -11.23 -13.34 14.32
C TRP A 88 -12.23 -13.87 13.35
N VAL A 89 -12.05 -13.59 12.06
CA VAL A 89 -13.01 -13.99 11.06
C VAL A 89 -12.30 -14.55 9.81
N ARG A 90 -13.06 -15.16 8.92
CA ARG A 90 -12.69 -15.28 7.51
C ARG A 90 -13.50 -14.31 6.62
N VAL A 91 -12.92 -13.90 5.52
CA VAL A 91 -13.62 -13.09 4.61
C VAL A 91 -13.82 -13.86 3.35
N GLY A 92 -14.94 -13.64 2.68
CA GLY A 92 -15.17 -14.48 1.51
C GLY A 92 -16.14 -13.98 0.48
N LEU A 93 -16.29 -14.71 -0.60
CA LEU A 93 -17.27 -14.34 -1.68
C LEU A 93 -18.15 -15.56 -1.81
N SER A 94 -19.44 -15.38 -2.07
CA SER A 94 -20.40 -16.54 -2.12
C SER A 94 -21.45 -16.36 -3.21
N ALA A 95 -22.00 -17.45 -3.74
CA ALA A 95 -23.01 -17.28 -4.77
C ALA A 95 -23.77 -18.54 -4.93
N SER A 96 -24.95 -18.48 -5.56
CA SER A 96 -25.76 -19.67 -5.71
C SER A 96 -26.67 -19.46 -6.90
N THR A 97 -27.22 -20.58 -7.35
CA THR A 97 -28.34 -20.58 -8.21
C THR A 97 -29.39 -21.53 -7.60
N GLY A 98 -30.59 -21.53 -8.18
CA GLY A 98 -31.67 -22.41 -7.70
C GLY A 98 -32.41 -23.02 -8.89
N LEU A 99 -33.70 -22.78 -8.94
CA LEU A 99 -34.36 -23.24 -10.13
C LEU A 99 -34.12 -22.23 -11.28
N TYR A 100 -33.72 -21.01 -10.96
CA TYR A 100 -33.22 -20.07 -12.03
C TYR A 100 -31.71 -19.91 -11.88
N LYS A 101 -31.04 -19.43 -12.90
CA LYS A 101 -29.57 -19.58 -12.86
C LYS A 101 -28.90 -18.40 -13.51
N GLU A 102 -27.60 -18.30 -13.30
CA GLU A 102 -26.77 -17.26 -13.89
C GLU A 102 -25.30 -17.71 -13.62
N THR A 103 -24.35 -17.16 -14.39
CA THR A 103 -22.98 -17.28 -14.00
C THR A 103 -22.73 -16.35 -12.82
N ASN A 104 -21.85 -16.79 -11.93
CA ASN A 104 -21.51 -15.97 -10.78
C ASN A 104 -19.98 -15.84 -10.86
N THR A 105 -19.54 -15.05 -11.85
CA THR A 105 -18.10 -15.06 -12.19
C THR A 105 -17.39 -13.90 -11.55
N ILE A 106 -16.28 -14.18 -10.87
CA ILE A 106 -15.49 -13.13 -10.23
C ILE A 106 -14.18 -12.96 -11.00
N LEU A 107 -13.97 -11.74 -11.46
CA LEU A 107 -12.80 -11.40 -12.22
C LEU A 107 -11.62 -10.80 -11.37
N SER A 108 -11.94 -10.30 -10.18
CA SER A 108 -10.92 -9.72 -9.30
C SER A 108 -11.51 -9.52 -7.94
N TRP A 109 -10.62 -9.53 -6.95
CA TRP A 109 -11.07 -9.38 -5.58
C TRP A 109 -9.91 -8.84 -4.80
N SER A 110 -10.17 -7.86 -3.97
CA SER A 110 -9.15 -7.37 -3.08
C SER A 110 -9.77 -6.92 -1.75
N PHE A 111 -8.92 -6.86 -0.73
CA PHE A 111 -9.40 -6.62 0.65
C PHE A 111 -8.27 -6.01 1.46
N THR A 112 -8.61 -5.04 2.27
CA THR A 112 -7.59 -4.44 3.07
C THR A 112 -8.22 -4.25 4.41
N SER A 113 -7.51 -4.67 5.46
CA SER A 113 -8.01 -4.60 6.83
C SER A 113 -6.88 -3.97 7.65
N LYS A 114 -7.23 -3.05 8.57
CA LYS A 114 -6.24 -2.28 9.35
C LYS A 114 -6.76 -2.21 10.78
N LEU A 115 -5.89 -2.46 11.74
CA LEU A 115 -6.20 -2.06 13.11
C LEU A 115 -5.07 -1.41 13.81
N LYS A 116 -5.34 -0.24 14.35
CA LYS A 116 -4.39 0.48 15.21
C LYS A 116 -4.74 0.33 16.67
N SER A 117 -3.79 -0.12 17.50
CA SER A 117 -4.10 -0.42 18.92
C SER A 117 -4.12 0.77 19.91
N ASN A 118 -4.80 0.61 21.06
CA ASN A 118 -4.84 1.69 22.09
C ASN A 118 -3.62 1.65 23.00
N SER A 119 -2.83 0.58 22.85
CA SER A 119 -1.49 0.43 23.49
C SER A 119 -0.38 0.76 22.51
N THR A 120 0.29 1.86 22.80
CA THR A 120 1.15 2.63 21.87
C THR A 120 0.87 2.66 20.35
N HIS A 121 -0.39 2.42 19.98
CA HIS A 121 -0.88 2.94 18.70
C HIS A 121 -0.08 2.37 17.57
N GLU A 122 0.17 1.06 17.66
CA GLU A 122 0.80 0.31 16.57
C GLU A 122 -0.28 -0.31 15.65
N THR A 123 -0.05 -0.20 14.34
CA THR A 123 -0.92 -0.78 13.29
C THR A 123 -0.55 -2.20 12.83
N ASN A 124 -1.52 -3.13 12.90
CA ASN A 124 -1.53 -4.39 12.18
C ASN A 124 -2.43 -4.32 10.91
N ALA A 125 -1.96 -4.91 9.81
CA ALA A 125 -2.65 -4.72 8.53
C ALA A 125 -2.54 -6.01 7.75
N LEU A 126 -3.61 -6.30 7.01
CA LEU A 126 -3.63 -7.39 6.02
C LEU A 126 -4.09 -6.87 4.66
N HIS A 127 -3.36 -7.18 3.61
CA HIS A 127 -3.88 -6.82 2.29
C HIS A 127 -3.75 -7.99 1.37
N PHE A 128 -4.79 -8.29 0.59
CA PHE A 128 -4.58 -9.18 -0.60
C PHE A 128 -5.25 -8.66 -1.88
N MET A 129 -4.72 -9.03 -3.03
CA MET A 129 -5.25 -8.60 -4.26
C MET A 129 -5.21 -9.77 -5.23
N PHE A 130 -6.38 -10.15 -5.74
CA PHE A 130 -6.42 -11.09 -6.86
C PHE A 130 -6.92 -10.39 -8.10
N ASN A 131 -6.08 -10.22 -9.10
CA ASN A 131 -6.57 -9.81 -10.41
C ASN A 131 -6.58 -10.94 -11.42
N GLN A 132 -6.35 -12.14 -10.96
CA GLN A 132 -6.54 -13.34 -11.77
C GLN A 132 -6.37 -14.52 -10.83
N PHE A 133 -7.08 -15.58 -11.13
CA PHE A 133 -7.07 -16.77 -10.32
C PHE A 133 -6.46 -17.89 -11.14
N SER A 134 -5.59 -18.69 -10.54
CA SER A 134 -5.05 -19.85 -11.27
C SER A 134 -5.82 -21.08 -10.84
N LYS A 135 -5.58 -22.22 -11.50
CA LYS A 135 -6.34 -23.45 -11.28
C LYS A 135 -6.01 -23.98 -9.88
N ASP A 136 -4.77 -23.78 -9.43
CA ASP A 136 -4.44 -24.13 -8.04
C ASP A 136 -4.21 -22.88 -7.20
N GLN A 137 -5.30 -22.28 -6.70
CA GLN A 137 -5.18 -21.02 -5.98
C GLN A 137 -5.11 -21.32 -4.51
N LYS A 138 -3.88 -21.63 -4.06
CA LYS A 138 -3.71 -22.24 -2.71
C LYS A 138 -4.13 -21.34 -1.53
N ASP A 139 -4.16 -20.04 -1.78
CA ASP A 139 -4.58 -19.08 -0.72
C ASP A 139 -6.06 -18.70 -0.69
N LEU A 140 -6.86 -19.54 -1.32
CA LEU A 140 -8.28 -19.42 -1.42
C LEU A 140 -8.82 -20.72 -0.88
N ILE A 141 -9.81 -20.63 -0.01
CA ILE A 141 -10.46 -21.88 0.40
C ILE A 141 -11.75 -21.96 -0.40
N LEU A 142 -11.86 -22.98 -1.24
CA LEU A 142 -12.89 -23.09 -2.21
C LEU A 142 -13.92 -24.03 -1.59
N GLN A 143 -15.20 -23.62 -1.52
CA GLN A 143 -16.21 -24.52 -0.94
C GLN A 143 -17.35 -24.73 -1.94
N GLY A 144 -17.95 -25.91 -1.87
CA GLY A 144 -19.14 -26.26 -2.65
C GLY A 144 -18.68 -26.37 -4.10
N ASP A 145 -19.45 -25.70 -4.96
CA ASP A 145 -19.20 -25.76 -6.37
C ASP A 145 -18.14 -24.73 -6.90
N ALA A 146 -17.56 -23.91 -6.02
CA ALA A 146 -16.63 -22.83 -6.49
C ALA A 146 -15.37 -23.44 -7.13
N THR A 147 -14.93 -22.90 -8.27
CA THR A 147 -13.66 -23.35 -8.95
C THR A 147 -12.86 -22.12 -9.41
N THR A 148 -11.53 -22.30 -9.58
CA THR A 148 -10.66 -21.27 -10.10
C THR A 148 -9.93 -21.78 -11.31
N GLY A 149 -9.42 -20.83 -12.09
CA GLY A 149 -8.59 -21.16 -13.28
C GLY A 149 -9.23 -21.05 -14.68
N THR A 150 -10.52 -21.36 -14.79
CA THR A 150 -11.23 -21.17 -16.06
C THR A 150 -11.18 -19.67 -16.51
N ASP A 151 -10.44 -19.39 -17.59
CA ASP A 151 -10.21 -18.05 -18.10
C ASP A 151 -9.42 -17.16 -17.15
N GLY A 152 -8.74 -17.77 -16.16
CA GLY A 152 -8.26 -17.02 -15.01
C GLY A 152 -9.30 -16.34 -14.11
N ASN A 153 -10.53 -16.84 -14.06
CA ASN A 153 -11.52 -16.24 -13.14
C ASN A 153 -11.87 -17.25 -12.08
N LEU A 154 -12.53 -16.76 -11.01
CA LEU A 154 -13.14 -17.58 -9.99
C LEU A 154 -14.60 -17.70 -10.37
N GLU A 155 -15.04 -18.94 -10.62
CA GLU A 155 -16.42 -19.20 -10.96
C GLU A 155 -17.11 -19.65 -9.67
N LEU A 156 -17.98 -18.87 -9.05
CA LEU A 156 -18.52 -19.33 -7.70
C LEU A 156 -19.55 -20.46 -7.81
N THR A 157 -20.32 -20.52 -8.87
CA THR A 157 -21.21 -21.65 -9.08
C THR A 157 -20.85 -22.34 -10.35
N ARG A 158 -21.40 -23.57 -10.50
CA ARG A 158 -21.05 -24.47 -11.58
C ARG A 158 -21.42 -23.94 -12.99
N VAL A 159 -20.42 -24.03 -13.87
CA VAL A 159 -20.59 -23.59 -15.25
C VAL A 159 -20.18 -24.75 -16.14
N SER A 160 -20.94 -25.03 -17.19
CA SER A 160 -20.69 -26.25 -17.94
C SER A 160 -19.63 -25.96 -19.00
N SER A 161 -19.03 -27.00 -19.57
CA SER A 161 -17.95 -26.79 -20.54
C SER A 161 -18.32 -25.76 -21.65
N ASN A 162 -19.55 -25.84 -22.16
CA ASN A 162 -20.02 -24.89 -23.18
C ASN A 162 -20.36 -23.46 -22.70
N GLY A 163 -20.15 -23.16 -21.40
CA GLY A 163 -20.28 -21.78 -20.86
C GLY A 163 -21.60 -21.51 -20.14
N SER A 164 -22.45 -22.52 -20.17
CA SER A 164 -23.80 -22.42 -19.68
C SER A 164 -23.79 -22.55 -18.15
N PRO A 165 -24.49 -21.65 -17.41
CA PRO A 165 -24.52 -21.80 -15.93
C PRO A 165 -25.51 -22.89 -15.46
N GLN A 166 -25.23 -23.56 -14.34
CA GLN A 166 -26.16 -24.58 -13.89
C GLN A 166 -27.00 -24.12 -12.71
N GLY A 167 -28.25 -24.57 -12.66
CA GLY A 167 -29.10 -24.35 -11.48
C GLY A 167 -28.72 -25.23 -10.30
N SER A 168 -29.39 -25.03 -9.16
CA SER A 168 -29.07 -25.75 -7.91
C SER A 168 -27.57 -25.82 -7.56
N SER A 169 -26.87 -24.70 -7.79
CA SER A 169 -25.45 -24.59 -7.42
C SER A 169 -25.20 -23.57 -6.34
N VAL A 170 -24.27 -23.90 -5.46
CA VAL A 170 -23.75 -23.03 -4.42
C VAL A 170 -22.21 -23.20 -4.32
N GLY A 171 -21.43 -22.11 -4.18
CA GLY A 171 -20.00 -22.20 -4.18
C GLY A 171 -19.45 -20.99 -3.42
N ARG A 172 -18.28 -21.13 -2.77
CA ARG A 172 -17.73 -19.95 -2.03
C ARG A 172 -16.23 -19.99 -2.11
N ALA A 173 -15.58 -18.81 -2.07
CA ALA A 173 -14.15 -18.66 -1.89
C ALA A 173 -13.84 -17.85 -0.62
N LEU A 174 -13.10 -18.40 0.34
CA LEU A 174 -12.71 -17.60 1.52
C LEU A 174 -11.19 -17.36 1.48
N PHE A 175 -10.68 -16.14 1.80
CA PHE A 175 -9.19 -16.00 1.94
C PHE A 175 -8.60 -17.00 2.95
N TYR A 176 -7.40 -17.52 2.67
CA TYR A 176 -6.85 -18.59 3.46
C TYR A 176 -6.63 -18.16 4.94
N ALA A 177 -6.12 -16.96 5.15
CA ALA A 177 -5.65 -16.64 6.54
C ALA A 177 -6.85 -16.07 7.34
N PRO A 178 -6.91 -16.37 8.63
CA PRO A 178 -7.90 -15.65 9.46
C PRO A 178 -7.52 -14.16 9.58
N VAL A 179 -8.52 -13.31 9.82
CA VAL A 179 -8.38 -11.88 9.78
C VAL A 179 -8.91 -11.36 11.12
N HIS A 180 -8.22 -10.36 11.65
CA HIS A 180 -8.57 -9.76 12.91
C HIS A 180 -9.40 -8.55 12.55
N ILE A 181 -10.75 -8.61 12.53
CA ILE A 181 -11.58 -7.37 12.16
C ILE A 181 -11.89 -6.42 13.35
N TRP A 182 -11.71 -6.89 14.59
CA TRP A 182 -11.75 -5.98 15.72
C TRP A 182 -10.76 -6.34 16.80
N GLU A 183 -10.46 -5.39 17.67
CA GLU A 183 -9.83 -5.66 18.94
C GLU A 183 -10.40 -4.67 19.92
N SER A 184 -10.56 -5.09 21.17
CA SER A 184 -11.18 -4.24 22.19
C SER A 184 -10.44 -2.91 22.39
N SER A 185 -9.12 -2.95 22.25
CA SER A 185 -8.31 -1.74 22.39
C SER A 185 -7.72 -1.25 21.07
N ALA A 186 -8.54 -1.19 20.01
CA ALA A 186 -8.13 -0.50 18.78
C ALA A 186 -8.72 0.90 18.73
N VAL A 187 -7.87 1.91 18.53
CA VAL A 187 -8.33 3.27 18.29
C VAL A 187 -9.23 3.45 17.04
N VAL A 188 -8.85 2.83 15.92
CA VAL A 188 -9.62 2.82 14.66
C VAL A 188 -9.34 1.44 14.06
N ALA A 189 -10.38 0.71 13.70
CA ALA A 189 -10.22 -0.42 12.84
C ALA A 189 -11.03 -0.15 11.59
N SER A 190 -10.55 -0.66 10.48
CA SER A 190 -11.33 -0.45 9.27
C SER A 190 -11.08 -1.55 8.27
N PHE A 191 -11.98 -1.72 7.30
CA PHE A 191 -11.73 -2.62 6.15
C PHE A 191 -12.42 -2.12 4.90
N GLU A 192 -12.04 -2.76 3.81
CA GLU A 192 -12.40 -2.30 2.51
C GLU A 192 -12.25 -3.52 1.66
N ALA A 193 -13.28 -3.90 0.92
CA ALA A 193 -13.16 -5.03 -0.04
C ALA A 193 -13.72 -4.57 -1.35
N THR A 194 -13.08 -5.01 -2.46
CA THR A 194 -13.56 -4.76 -3.77
C THR A 194 -13.50 -6.03 -4.59
N PHE A 195 -14.46 -6.16 -5.51
CA PHE A 195 -14.47 -7.24 -6.48
C PHE A 195 -15.13 -6.86 -7.80
N THR A 196 -14.62 -7.45 -8.87
CA THR A 196 -15.37 -7.28 -10.14
C THR A 196 -16.10 -8.62 -10.43
N PHE A 197 -17.28 -8.54 -11.06
CA PHE A 197 -18.08 -9.76 -11.28
C PHE A 197 -18.79 -9.66 -12.67
N LEU A 198 -19.34 -10.76 -13.12
CA LEU A 198 -19.89 -10.89 -14.42
C LEU A 198 -21.04 -11.85 -14.25
N ILE A 199 -22.25 -11.30 -14.22
CA ILE A 199 -23.43 -12.17 -14.06
C ILE A 199 -24.12 -12.23 -15.43
N LYS A 200 -24.23 -13.44 -15.97
CA LYS A 200 -24.85 -13.66 -17.28
C LYS A 200 -25.81 -14.85 -17.12
N SER A 201 -27.01 -14.74 -17.72
CA SER A 201 -27.97 -15.84 -17.72
C SER A 201 -28.60 -15.98 -19.08
N PRO A 202 -28.79 -17.24 -19.55
CA PRO A 202 -29.67 -17.39 -20.70
C PRO A 202 -31.17 -17.23 -20.32
N ASP A 203 -31.56 -17.48 -19.06
CA ASP A 203 -32.96 -17.28 -18.57
C ASP A 203 -33.49 -15.85 -18.70
N SER A 204 -34.82 -15.74 -18.84
CA SER A 204 -35.54 -14.48 -18.55
C SER A 204 -35.29 -13.82 -17.17
N HIS A 205 -35.09 -14.64 -16.14
CA HIS A 205 -34.88 -14.12 -14.79
C HIS A 205 -33.64 -14.76 -14.17
N PRO A 206 -32.50 -14.05 -14.19
CA PRO A 206 -31.35 -14.64 -13.48
C PRO A 206 -31.62 -14.89 -11.97
N ALA A 207 -30.90 -15.84 -11.40
CA ALA A 207 -30.91 -16.12 -10.01
C ALA A 207 -29.58 -16.79 -9.68
N ASP A 208 -29.09 -16.67 -8.45
CA ASP A 208 -29.74 -15.97 -7.32
C ASP A 208 -28.99 -14.73 -6.78
N GLY A 209 -27.65 -14.69 -6.91
CA GLY A 209 -26.86 -13.46 -6.67
C GLY A 209 -25.51 -13.86 -6.09
N ILE A 210 -24.73 -12.83 -5.74
CA ILE A 210 -23.36 -12.91 -5.19
C ILE A 210 -23.31 -12.15 -3.89
N ALA A 211 -22.52 -12.62 -2.92
CA ALA A 211 -22.45 -11.88 -1.67
C ALA A 211 -20.95 -11.84 -1.25
N PHE A 212 -20.51 -10.70 -0.67
CA PHE A 212 -19.24 -10.68 0.07
C PHE A 212 -19.68 -10.89 1.53
N PHE A 213 -18.97 -11.73 2.29
CA PHE A 213 -19.36 -12.06 3.65
C PHE A 213 -18.15 -12.19 4.58
N ILE A 214 -18.44 -12.06 5.89
CA ILE A 214 -17.50 -12.13 6.92
C ILE A 214 -18.13 -13.13 7.85
N SER A 215 -17.34 -14.05 8.36
CA SER A 215 -17.91 -15.17 9.10
C SER A 215 -16.99 -15.65 10.21
N ASN A 216 -17.52 -16.47 11.11
CA ASN A 216 -16.66 -17.18 12.06
C ASN A 216 -15.59 -17.96 11.21
N ILE A 217 -14.41 -18.25 11.75
CA ILE A 217 -13.30 -18.77 10.91
C ILE A 217 -13.57 -20.15 10.32
N ASP A 218 -14.40 -20.92 10.99
CA ASP A 218 -14.70 -22.26 10.57
C ASP A 218 -15.98 -22.35 9.77
N SER A 219 -16.42 -21.24 9.16
CA SER A 219 -17.70 -21.28 8.41
C SER A 219 -17.64 -22.21 7.19
N SER A 220 -18.73 -22.94 6.92
CA SER A 220 -18.87 -23.69 5.70
C SER A 220 -20.29 -23.50 5.15
N ILE A 221 -20.56 -23.97 3.96
CA ILE A 221 -21.83 -23.69 3.27
C ILE A 221 -22.92 -24.47 4.02
N PRO A 222 -23.95 -23.78 4.56
CA PRO A 222 -24.94 -24.54 5.26
C PRO A 222 -25.68 -25.49 4.31
N SER A 223 -26.21 -26.59 4.86
CA SER A 223 -26.91 -27.59 4.10
C SER A 223 -28.19 -27.01 3.43
N GLY A 224 -28.39 -27.37 2.16
CA GLY A 224 -29.50 -26.89 1.41
C GLY A 224 -29.53 -25.38 1.19
N SER A 225 -28.37 -24.69 1.18
CA SER A 225 -28.31 -23.26 1.03
C SER A 225 -28.12 -22.81 -0.44
N THR A 226 -28.54 -23.62 -1.39
CA THR A 226 -28.52 -23.19 -2.78
C THR A 226 -29.68 -22.17 -2.92
N GLY A 227 -29.88 -21.64 -4.12
CA GLY A 227 -30.96 -20.68 -4.33
C GLY A 227 -30.96 -19.42 -3.46
N ARG A 228 -32.13 -19.11 -2.92
CA ARG A 228 -32.41 -17.86 -2.16
C ARG A 228 -31.52 -17.59 -0.92
N LEU A 229 -30.82 -18.61 -0.42
CA LEU A 229 -30.03 -18.53 0.85
C LEU A 229 -28.62 -18.07 0.57
N LEU A 230 -28.29 -17.92 -0.71
CA LEU A 230 -27.05 -17.44 -1.25
C LEU A 230 -25.83 -18.08 -0.67
N GLY A 231 -25.95 -19.31 -0.15
CA GLY A 231 -24.77 -20.00 0.36
C GLY A 231 -24.39 -19.63 1.79
N LEU A 232 -25.25 -18.86 2.44
CA LEU A 232 -24.89 -18.11 3.66
C LEU A 232 -25.70 -18.59 4.88
N PHE A 233 -26.99 -18.89 4.71
CA PHE A 233 -27.81 -19.09 5.86
C PHE A 233 -28.38 -20.49 5.73
N PRO A 234 -28.63 -21.14 6.88
CA PRO A 234 -29.23 -22.47 7.00
C PRO A 234 -30.74 -22.41 6.72
N ASP A 235 -31.30 -21.21 6.87
CA ASP A 235 -32.71 -21.04 6.73
C ASP A 235 -33.03 -19.57 6.42
N ALA A 236 -34.33 -19.29 6.32
CA ALA A 236 -34.84 -18.00 5.89
C ALA A 236 -35.27 -17.04 7.00
N ASN A 237 -34.95 -17.35 8.27
CA ASN A 237 -35.42 -16.51 9.40
C ASN A 237 -34.72 -15.14 9.47
N ALA B 1 11.57 -34.43 3.76
CA ALA B 1 12.66 -33.40 3.73
C ALA B 1 12.21 -32.03 3.22
N ASP B 2 12.33 -30.97 4.03
CA ASP B 2 11.86 -29.61 3.66
C ASP B 2 12.81 -28.95 2.69
N THR B 3 12.36 -27.86 2.04
CA THR B 3 13.17 -27.06 1.11
C THR B 3 13.13 -25.65 1.72
N ILE B 4 14.30 -25.18 2.16
CA ILE B 4 14.43 -23.92 2.82
C ILE B 4 15.32 -22.99 2.01
N VAL B 5 14.82 -21.75 1.86
CA VAL B 5 15.67 -20.60 1.57
C VAL B 5 15.68 -19.64 2.77
N ALA B 6 16.86 -19.14 3.17
CA ALA B 6 16.78 -18.34 4.36
C ALA B 6 17.85 -17.28 4.51
N VAL B 7 17.49 -16.26 5.27
CA VAL B 7 18.45 -15.21 5.69
C VAL B 7 18.71 -15.37 7.19
N GLU B 8 19.97 -15.76 7.58
CA GLU B 8 20.24 -16.05 8.98
C GLU B 8 20.91 -14.89 9.63
N LEU B 9 20.49 -14.64 10.87
CA LEU B 9 21.21 -13.77 11.79
C LEU B 9 21.88 -14.69 12.82
N ASP B 10 23.16 -14.97 12.60
CA ASP B 10 23.86 -16.02 13.32
C ASP B 10 24.72 -15.44 14.40
N THR B 11 24.24 -15.54 15.64
CA THR B 11 24.99 -15.06 16.81
C THR B 11 26.18 -15.90 17.28
N TYR B 12 26.28 -17.16 16.86
CA TYR B 12 27.26 -18.05 17.48
C TYR B 12 28.12 -18.77 16.40
N PRO B 13 29.43 -18.47 16.27
CA PRO B 13 30.24 -19.14 15.26
C PRO B 13 30.43 -20.62 15.60
N ASN B 14 29.91 -21.48 14.73
CA ASN B 14 30.22 -22.90 14.77
C ASN B 14 31.15 -23.17 13.59
N THR B 15 32.46 -23.05 13.83
CA THR B 15 33.43 -23.15 12.77
C THR B 15 33.56 -24.60 12.27
N ASP B 16 33.02 -25.56 13.02
CA ASP B 16 33.05 -26.93 12.57
C ASP B 16 32.08 -27.20 11.41
N ILE B 17 31.07 -26.34 11.24
CA ILE B 17 30.15 -26.40 10.10
C ILE B 17 30.28 -25.23 9.12
N GLY B 18 31.48 -24.65 9.05
CA GLY B 18 31.77 -23.63 8.06
C GLY B 18 31.34 -22.22 8.42
N ASP B 19 30.85 -22.00 9.64
CA ASP B 19 30.60 -20.61 10.08
C ASP B 19 31.85 -19.75 10.07
N PRO B 20 31.74 -18.47 9.65
CA PRO B 20 32.95 -17.70 9.98
C PRO B 20 33.16 -17.50 11.48
N SER B 21 34.33 -16.96 11.79
CA SER B 21 34.86 -16.82 13.13
C SER B 21 34.16 -15.77 14.04
N TYR B 22 33.01 -15.24 13.60
CA TYR B 22 32.46 -14.09 14.26
C TYR B 22 30.97 -14.18 13.98
N PRO B 23 30.13 -13.47 14.79
CA PRO B 23 28.68 -13.33 14.48
C PRO B 23 28.56 -12.76 13.12
N HIS B 24 27.57 -13.22 12.38
CA HIS B 24 27.54 -12.92 10.98
C HIS B 24 26.09 -13.07 10.43
N ILE B 25 25.78 -12.45 9.28
CA ILE B 25 24.55 -12.76 8.57
C ILE B 25 24.92 -13.60 7.32
N GLY B 26 23.97 -14.36 6.79
CA GLY B 26 24.26 -15.19 5.64
C GLY B 26 23.04 -15.56 4.81
N ILE B 27 23.29 -16.01 3.58
CA ILE B 27 22.13 -16.48 2.80
C ILE B 27 22.25 -17.99 2.70
N ASP B 28 21.20 -18.69 3.08
CA ASP B 28 21.24 -20.15 3.06
C ASP B 28 20.24 -20.66 2.00
N ILE B 29 20.80 -21.46 1.08
CA ILE B 29 20.08 -22.03 -0.04
C ILE B 29 20.13 -23.53 0.13
N LYS B 30 19.05 -24.07 0.67
CA LYS B 30 18.90 -25.49 1.03
C LYS B 30 20.05 -26.12 1.90
N SER B 31 20.74 -25.30 2.70
CA SER B 31 21.77 -25.79 3.65
C SER B 31 21.97 -24.74 4.76
N VAL B 32 22.22 -25.19 5.99
CA VAL B 32 22.76 -24.30 6.98
C VAL B 32 24.16 -23.78 6.69
N ARG B 33 24.99 -24.46 5.87
CA ARG B 33 26.23 -23.78 5.47
C ARG B 33 26.00 -22.72 4.40
N SER B 34 26.07 -21.48 4.85
CA SER B 34 25.74 -20.30 4.04
C SER B 34 26.45 -20.20 2.69
N LYS B 35 25.74 -19.75 1.64
CA LYS B 35 26.40 -19.60 0.32
C LYS B 35 27.10 -18.25 0.36
N LYS B 36 26.72 -17.42 1.32
CA LYS B 36 27.38 -16.13 1.45
C LYS B 36 27.10 -15.55 2.82
N THR B 37 28.12 -14.96 3.43
CA THR B 37 27.97 -14.39 4.76
C THR B 37 28.64 -13.01 4.78
N ALA B 38 28.40 -12.23 5.83
CA ALA B 38 29.19 -11.02 6.07
C ALA B 38 29.24 -10.79 7.56
N LYS B 39 30.33 -10.19 8.04
CA LYS B 39 30.49 -9.89 9.42
C LYS B 39 29.30 -9.12 9.99
N TRP B 40 28.80 -9.53 11.14
CA TRP B 40 27.71 -8.83 11.82
C TRP B 40 27.98 -8.61 13.29
N ASN B 41 28.19 -7.36 13.63
CA ASN B 41 28.36 -6.98 15.00
C ASN B 41 27.00 -6.87 15.70
N MET B 42 26.45 -8.02 16.08
CA MET B 42 25.28 -8.07 16.97
C MET B 42 25.43 -7.21 18.24
N GLN B 43 24.37 -6.50 18.61
CA GLN B 43 24.44 -5.71 19.84
C GLN B 43 23.46 -6.21 20.88
N ASN B 44 24.07 -6.77 21.93
CA ASN B 44 23.40 -7.47 23.01
C ASN B 44 22.45 -6.48 23.64
N GLY B 45 21.16 -6.75 23.57
CA GLY B 45 20.21 -5.96 24.33
C GLY B 45 19.59 -4.85 23.53
N LYS B 46 20.08 -4.65 22.31
CA LYS B 46 19.62 -3.55 21.46
C LYS B 46 18.60 -3.96 20.35
N VAL B 47 17.58 -3.14 20.14
CA VAL B 47 16.58 -3.40 19.08
C VAL B 47 17.23 -3.22 17.66
N GLY B 48 17.29 -4.30 16.89
CA GLY B 48 17.88 -4.31 15.52
C GLY B 48 16.82 -4.39 14.44
N THR B 49 17.19 -4.06 13.19
CA THR B 49 16.26 -4.22 12.08
C THR B 49 16.86 -5.05 10.97
N ALA B 50 16.05 -5.89 10.33
CA ALA B 50 16.49 -6.63 9.15
C ALA B 50 15.51 -6.41 7.99
N HIS B 51 16.06 -6.43 6.76
CA HIS B 51 15.33 -6.30 5.50
C HIS B 51 15.82 -7.32 4.55
N ILE B 52 14.90 -8.04 3.94
CA ILE B 52 15.23 -9.04 2.93
C ILE B 52 14.43 -8.64 1.65
N ILE B 53 15.06 -8.72 0.48
CA ILE B 53 14.40 -8.29 -0.74
C ILE B 53 14.93 -9.15 -1.85
N TYR B 54 14.06 -9.33 -2.84
CA TYR B 54 14.36 -10.20 -3.93
C TYR B 54 13.46 -9.82 -5.08
N ASN B 55 13.95 -9.98 -6.30
CA ASN B 55 13.08 -9.81 -7.43
C ASN B 55 13.52 -10.72 -8.55
N SER B 56 12.55 -11.09 -9.39
CA SER B 56 12.67 -12.17 -10.40
C SER B 56 13.34 -11.69 -11.73
N VAL B 57 13.51 -10.38 -11.86
CA VAL B 57 14.30 -9.75 -12.89
C VAL B 57 15.83 -9.87 -12.61
N ASP B 58 16.24 -9.46 -11.39
CA ASP B 58 17.64 -9.48 -10.95
C ASP B 58 18.04 -10.88 -10.46
N LYS B 59 17.07 -11.62 -9.90
CA LYS B 59 17.31 -12.94 -9.35
C LYS B 59 18.44 -12.85 -8.34
N ARG B 60 18.33 -11.89 -7.42
CA ARG B 60 19.34 -11.65 -6.40
C ARG B 60 18.62 -11.52 -5.03
N LEU B 61 19.02 -12.30 -4.04
CA LEU B 61 18.42 -12.25 -2.71
C LEU B 61 19.41 -11.46 -1.88
N SER B 62 18.91 -10.42 -1.19
CA SER B 62 19.78 -9.45 -0.55
C SER B 62 19.13 -9.12 0.82
N ALA B 63 19.97 -8.84 1.83
CA ALA B 63 19.49 -8.59 3.21
C ALA B 63 20.39 -7.54 3.78
N VAL B 64 19.79 -6.63 4.55
CA VAL B 64 20.50 -5.63 5.34
C VAL B 64 20.02 -5.80 6.80
N VAL B 65 20.98 -5.84 7.73
CA VAL B 65 20.68 -5.84 9.18
C VAL B 65 21.41 -4.72 9.86
N SER B 66 20.71 -4.00 10.71
CA SER B 66 21.35 -2.83 11.26
C SER B 66 20.77 -2.43 12.57
N TYR B 67 21.56 -1.67 13.32
CA TYR B 67 21.06 -0.93 14.50
C TYR B 67 21.13 0.59 14.25
N PRO B 68 20.24 1.39 14.89
CA PRO B 68 20.32 2.84 14.69
C PRO B 68 21.71 3.37 15.00
N ASN B 69 22.24 4.25 14.15
CA ASN B 69 23.61 4.78 14.24
C ASN B 69 24.81 3.83 14.08
N ALA B 70 24.62 2.60 13.60
CA ALA B 70 25.81 1.78 13.32
C ALA B 70 25.99 1.57 11.82
N ASP B 71 27.17 1.13 11.40
CA ASP B 71 27.31 0.56 10.06
C ASP B 71 26.45 -0.70 9.87
N SER B 72 25.67 -0.73 8.79
CA SER B 72 24.88 -1.89 8.40
C SER B 72 25.74 -3.04 7.94
N ALA B 73 25.29 -4.27 8.19
CA ALA B 73 25.89 -5.45 7.54
C ALA B 73 24.93 -5.84 6.42
N THR B 74 25.52 -6.13 5.28
CA THR B 74 24.74 -6.38 4.07
C THR B 74 25.25 -7.66 3.45
N VAL B 75 24.36 -8.45 2.90
CA VAL B 75 24.83 -9.56 2.11
C VAL B 75 23.82 -9.86 1.02
N SER B 76 24.34 -10.40 -0.10
CA SER B 76 23.53 -10.71 -1.32
C SER B 76 24.00 -12.01 -1.96
N TYR B 77 23.09 -12.68 -2.67
CA TYR B 77 23.45 -13.87 -3.43
C TYR B 77 22.64 -14.01 -4.74
N ASP B 78 23.31 -14.27 -5.85
CA ASP B 78 22.67 -14.47 -7.15
C ASP B 78 22.14 -15.91 -7.22
N VAL B 79 20.81 -16.00 -7.18
CA VAL B 79 20.05 -17.24 -7.20
C VAL B 79 18.70 -16.96 -7.83
N ASP B 80 18.26 -17.90 -8.66
CA ASP B 80 16.97 -17.88 -9.30
C ASP B 80 16.13 -18.74 -8.38
N LEU B 81 15.34 -18.07 -7.55
CA LEU B 81 14.42 -18.76 -6.67
C LEU B 81 13.40 -19.68 -7.35
N ASP B 82 13.03 -19.43 -8.60
CA ASP B 82 12.16 -20.34 -9.39
C ASP B 82 12.71 -21.76 -9.50
N ASN B 83 14.04 -21.86 -9.39
CA ASN B 83 14.80 -23.10 -9.61
C ASN B 83 14.93 -23.90 -8.33
N VAL B 84 14.63 -23.25 -7.21
CA VAL B 84 14.98 -23.74 -5.86
C VAL B 84 13.68 -24.03 -5.10
N LEU B 85 12.78 -23.05 -5.09
CA LEU B 85 11.52 -23.22 -4.29
C LEU B 85 10.30 -23.84 -5.08
N PRO B 86 9.35 -24.47 -4.37
CA PRO B 86 8.11 -24.79 -5.10
C PRO B 86 7.42 -23.45 -5.38
N GLU B 87 6.35 -23.43 -6.15
CA GLU B 87 5.71 -22.22 -6.66
C GLU B 87 4.85 -21.56 -5.54
N TRP B 88 4.36 -22.41 -4.65
CA TRP B 88 3.70 -21.92 -3.43
C TRP B 88 4.55 -22.25 -2.21
N VAL B 89 4.67 -21.28 -1.33
CA VAL B 89 5.53 -21.36 -0.16
C VAL B 89 4.86 -20.77 1.07
N ARG B 90 5.49 -20.97 2.23
CA ARG B 90 5.09 -20.16 3.38
C ARG B 90 6.25 -19.32 3.74
N VAL B 91 5.99 -18.20 4.42
CA VAL B 91 7.09 -17.40 4.90
C VAL B 91 7.10 -17.40 6.40
N GLY B 92 8.29 -17.32 6.98
CA GLY B 92 8.31 -17.27 8.46
C GLY B 92 9.54 -16.74 9.13
N LEU B 93 9.48 -16.79 10.46
CA LEU B 93 10.58 -16.44 11.34
C LEU B 93 10.89 -17.65 12.17
N SER B 94 12.19 -17.91 12.37
CA SER B 94 12.67 -19.08 13.12
C SER B 94 13.75 -18.62 14.06
N ALA B 95 13.88 -19.28 15.20
CA ALA B 95 15.07 -19.04 16.01
C ALA B 95 15.42 -20.23 16.83
N SER B 96 16.68 -20.25 17.31
CA SER B 96 17.09 -21.29 18.24
C SER B 96 18.10 -20.89 19.36
N THR B 97 18.21 -21.76 20.38
CA THR B 97 19.22 -21.69 21.40
C THR B 97 19.68 -23.13 21.50
N GLY B 98 20.86 -23.32 22.10
CA GLY B 98 21.46 -24.61 22.32
C GLY B 98 22.02 -24.69 23.71
N LEU B 99 23.33 -24.92 23.81
CA LEU B 99 23.94 -24.89 25.12
C LEU B 99 24.12 -23.44 25.57
N TYR B 100 24.40 -22.54 24.65
CA TYR B 100 24.31 -21.12 24.98
C TYR B 100 22.93 -20.56 24.51
N LYS B 101 22.63 -19.30 24.84
CA LYS B 101 21.27 -18.84 24.73
C LYS B 101 21.17 -17.34 24.61
N GLU B 102 19.95 -16.89 24.27
CA GLU B 102 19.61 -15.52 24.10
C GLU B 102 18.08 -15.58 23.93
N THR B 103 17.43 -14.46 24.23
CA THR B 103 16.07 -14.19 23.87
C THR B 103 16.09 -13.90 22.40
N ASN B 104 15.17 -14.50 21.69
CA ASN B 104 14.91 -14.22 20.28
C ASN B 104 13.58 -13.48 20.02
N THR B 105 13.56 -12.20 20.37
CA THR B 105 12.32 -11.46 20.48
C THR B 105 12.09 -10.63 19.22
N ILE B 106 10.92 -10.84 18.63
CA ILE B 106 10.47 -10.16 17.45
C ILE B 106 9.43 -9.10 17.88
N LEU B 107 9.72 -7.81 17.60
CA LEU B 107 8.83 -6.67 17.95
C LEU B 107 7.95 -6.20 16.79
N SER B 108 8.36 -6.50 15.55
CA SER B 108 7.50 -6.22 14.38
C SER B 108 7.82 -7.14 13.20
N TRP B 109 6.81 -7.43 12.39
CA TRP B 109 7.07 -8.18 11.13
C TRP B 109 6.20 -7.75 9.96
N SER B 110 6.78 -7.53 8.76
CA SER B 110 5.96 -7.16 7.57
C SER B 110 6.50 -7.86 6.32
N PHE B 111 5.66 -8.06 5.29
CA PHE B 111 6.07 -8.85 4.14
C PHE B 111 5.12 -8.41 3.08
N THR B 112 5.65 -8.26 1.86
CA THR B 112 4.89 -7.88 0.67
C THR B 112 5.50 -8.71 -0.47
N SER B 113 4.62 -9.35 -1.22
CA SER B 113 4.88 -10.20 -2.35
C SER B 113 3.94 -9.72 -3.50
N LYS B 114 4.45 -9.66 -4.72
CA LYS B 114 3.72 -9.13 -5.86
C LYS B 114 4.09 -9.98 -7.05
N LEU B 115 3.09 -10.39 -7.81
CA LEU B 115 3.32 -11.15 -9.07
C LEU B 115 2.60 -10.47 -10.21
N LYS B 116 3.31 -10.24 -11.32
CA LYS B 116 2.67 -9.77 -12.57
C LYS B 116 2.78 -10.82 -13.64
N SER B 117 1.64 -11.28 -14.16
CA SER B 117 1.68 -12.39 -15.12
C SER B 117 1.99 -11.92 -16.56
N ASN B 118 2.47 -12.85 -17.39
CA ASN B 118 2.79 -12.65 -18.83
C ASN B 118 1.54 -12.47 -19.71
N SER B 119 0.36 -12.44 -19.09
CA SER B 119 -0.96 -12.33 -19.76
C SER B 119 -2.11 -12.02 -18.73
N THR B 120 -2.97 -11.01 -18.89
CA THR B 120 -2.71 -9.75 -19.58
C THR B 120 -2.20 -8.76 -18.50
N HIS B 121 -0.99 -9.05 -18.02
CA HIS B 121 -0.21 -8.15 -17.14
C HIS B 121 -0.98 -7.71 -15.92
N GLU B 122 -1.62 -8.71 -15.30
CA GLU B 122 -2.41 -8.54 -14.09
C GLU B 122 -1.59 -8.97 -12.89
N THR B 123 -1.66 -8.14 -11.82
CA THR B 123 -0.92 -8.35 -10.56
C THR B 123 -1.73 -9.00 -9.49
N ASN B 124 -1.19 -10.07 -8.93
CA ASN B 124 -1.56 -10.50 -7.60
C ASN B 124 -0.63 -10.02 -6.51
N ALA B 125 -1.22 -9.58 -5.38
CA ALA B 125 -0.42 -9.14 -4.25
C ALA B 125 -0.88 -9.69 -2.88
N LEU B 126 0.07 -9.79 -1.94
CA LEU B 126 -0.12 -10.18 -0.48
C LEU B 126 0.69 -9.24 0.34
N HIS B 127 0.05 -8.63 1.33
CA HIS B 127 0.80 -7.81 2.26
C HIS B 127 0.31 -8.10 3.63
N PHE B 128 1.23 -8.31 4.56
CA PHE B 128 0.90 -8.24 5.97
C PHE B 128 1.87 -7.46 6.84
N MET B 129 1.34 -6.94 7.95
CA MET B 129 2.17 -6.20 8.86
C MET B 129 1.71 -6.47 10.26
N PHE B 130 2.68 -6.90 11.10
CA PHE B 130 2.52 -7.08 12.53
C PHE B 130 3.40 -6.03 13.26
N ASN B 131 2.81 -5.00 13.83
CA ASN B 131 3.51 -4.12 14.78
C ASN B 131 3.24 -4.47 16.26
N GLN B 132 2.41 -5.45 16.46
CA GLN B 132 2.26 -6.04 17.79
C GLN B 132 1.69 -7.47 17.58
N PHE B 133 1.88 -8.34 18.55
CA PHE B 133 1.34 -9.71 18.52
C PHE B 133 0.43 -9.98 19.73
N SER B 134 -0.70 -10.62 19.55
CA SER B 134 -1.53 -10.78 20.74
C SER B 134 -1.41 -12.23 21.14
N LYS B 135 -1.94 -12.54 22.34
CA LYS B 135 -1.90 -13.88 22.92
C LYS B 135 -2.44 -14.98 22.00
N ASP B 136 -3.47 -14.66 21.24
CA ASP B 136 -4.05 -15.62 20.31
C ASP B 136 -4.01 -15.02 18.85
N GLN B 137 -2.85 -15.17 18.22
CA GLN B 137 -2.56 -14.50 16.96
C GLN B 137 -2.84 -15.56 15.90
N LYS B 138 -4.16 -15.72 15.60
CA LYS B 138 -4.61 -16.84 14.74
C LYS B 138 -4.03 -16.80 13.29
N ASP B 139 -3.45 -15.68 12.83
CA ASP B 139 -2.95 -15.70 11.47
C ASP B 139 -1.44 -16.05 11.43
N LEU B 140 -0.87 -16.37 12.61
CA LEU B 140 0.43 -17.05 12.68
C LEU B 140 0.26 -18.52 13.05
N ILE B 141 1.00 -19.38 12.35
CA ILE B 141 1.28 -20.74 12.75
C ILE B 141 2.56 -20.81 13.62
N LEU B 142 2.37 -21.04 14.94
CA LEU B 142 3.48 -21.23 15.91
C LEU B 142 3.98 -22.68 15.96
N GLN B 143 5.31 -22.91 15.82
CA GLN B 143 5.83 -24.27 15.97
C GLN B 143 6.97 -24.27 17.04
N GLY B 144 7.18 -25.40 17.66
CA GLY B 144 8.11 -25.53 18.75
C GLY B 144 7.75 -24.63 19.92
N ASP B 145 8.75 -23.94 20.40
CA ASP B 145 8.68 -23.15 21.61
C ASP B 145 8.12 -21.73 21.44
N ALA B 146 7.79 -21.34 20.21
CA ALA B 146 7.50 -19.95 19.92
C ALA B 146 6.14 -19.56 20.55
N THR B 147 6.03 -18.35 21.11
CA THR B 147 4.76 -17.91 21.61
C THR B 147 4.63 -16.44 21.35
N THR B 148 3.38 -16.00 21.42
CA THR B 148 3.07 -14.60 21.22
C THR B 148 2.32 -14.09 22.45
N GLY B 149 2.48 -12.80 22.74
CA GLY B 149 1.56 -12.07 23.64
C GLY B 149 2.19 -11.33 24.82
N THR B 150 3.27 -11.92 25.34
CA THR B 150 4.05 -11.30 26.40
C THR B 150 4.59 -9.97 25.83
N ASP B 151 4.08 -8.88 26.41
CA ASP B 151 4.46 -7.52 26.03
C ASP B 151 4.04 -7.13 24.58
N GLY B 152 3.27 -8.00 23.91
CA GLY B 152 2.88 -7.77 22.52
C GLY B 152 3.97 -8.12 21.51
N ASN B 153 4.87 -9.00 21.94
CA ASN B 153 5.97 -9.41 21.15
C ASN B 153 5.87 -10.93 20.79
N LEU B 154 6.55 -11.34 19.74
CA LEU B 154 6.61 -12.75 19.43
C LEU B 154 7.92 -13.25 20.05
N GLU B 155 7.87 -14.23 20.98
CA GLU B 155 9.06 -14.87 21.58
C GLU B 155 9.29 -16.20 20.84
N LEU B 156 10.30 -16.25 19.97
CA LEU B 156 10.38 -17.39 19.10
C LEU B 156 10.94 -18.50 19.92
N THR B 157 11.86 -18.18 20.85
CA THR B 157 12.39 -19.22 21.77
C THR B 157 11.96 -19.06 23.22
N ARG B 158 12.10 -20.14 23.98
CA ARG B 158 11.67 -20.16 25.37
C ARG B 158 12.36 -19.10 26.23
N VAL B 159 11.55 -18.23 26.82
CA VAL B 159 11.97 -17.31 27.91
C VAL B 159 11.20 -17.70 29.20
N SER B 160 11.82 -17.56 30.36
CA SER B 160 11.10 -17.92 31.60
C SER B 160 10.30 -16.75 32.18
N SER B 161 9.41 -17.06 33.12
CA SER B 161 8.57 -16.03 33.74
C SER B 161 9.45 -14.87 34.23
N ASN B 162 10.66 -15.17 34.69
CA ASN B 162 11.61 -14.12 35.14
C ASN B 162 12.34 -13.29 34.03
N GLY B 163 12.14 -13.63 32.76
CA GLY B 163 12.79 -12.89 31.65
C GLY B 163 14.09 -13.48 31.08
N SER B 164 14.50 -14.61 31.61
CA SER B 164 15.79 -15.21 31.23
C SER B 164 15.56 -16.18 30.07
N PRO B 165 16.36 -16.06 28.96
CA PRO B 165 16.28 -17.02 27.87
C PRO B 165 16.67 -18.43 28.29
N GLN B 166 16.15 -19.46 27.63
CA GLN B 166 16.49 -20.84 28.01
C GLN B 166 17.29 -21.57 26.91
N GLY B 167 18.21 -22.43 27.36
CA GLY B 167 18.99 -23.30 26.46
C GLY B 167 18.12 -24.31 25.71
N SER B 168 18.70 -24.88 24.64
CA SER B 168 18.08 -26.00 23.89
C SER B 168 16.66 -25.74 23.41
N SER B 169 16.39 -24.50 22.98
CA SER B 169 15.06 -24.16 22.54
C SER B 169 15.02 -23.89 21.04
N VAL B 170 13.84 -24.02 20.46
CA VAL B 170 13.67 -23.82 19.03
C VAL B 170 12.21 -23.53 18.74
N GLY B 171 11.94 -22.42 18.05
CA GLY B 171 10.60 -22.18 17.53
C GLY B 171 10.52 -21.30 16.27
N ARG B 172 9.35 -21.30 15.65
CA ARG B 172 9.07 -20.59 14.41
C ARG B 172 7.61 -20.03 14.43
N ALA B 173 7.38 -18.91 13.72
CA ALA B 173 6.03 -18.44 13.41
C ALA B 173 5.95 -18.37 11.88
N LEU B 174 5.00 -19.07 11.25
CA LEU B 174 4.88 -18.95 9.79
C LEU B 174 3.58 -18.16 9.55
N PHE B 175 3.53 -17.24 8.58
CA PHE B 175 2.24 -16.58 8.23
C PHE B 175 1.29 -17.64 7.67
N TYR B 176 0.02 -17.46 8.01
CA TYR B 176 -1.00 -18.52 7.81
C TYR B 176 -1.20 -18.83 6.33
N ALA B 177 -1.27 -17.83 5.44
CA ALA B 177 -1.67 -18.10 4.03
C ALA B 177 -0.40 -18.55 3.28
N PRO B 178 -0.47 -19.58 2.43
CA PRO B 178 0.62 -19.81 1.48
C PRO B 178 0.78 -18.61 0.60
N VAL B 179 1.94 -18.51 0.00
CA VAL B 179 2.31 -17.31 -0.76
C VAL B 179 2.80 -17.75 -2.15
N HIS B 180 2.40 -17.05 -3.20
CA HIS B 180 2.81 -17.34 -4.55
C HIS B 180 4.04 -16.50 -4.82
N ILE B 181 5.23 -17.00 -4.50
CA ILE B 181 6.43 -16.17 -4.73
C ILE B 181 6.94 -16.29 -6.18
N TRP B 182 6.39 -17.25 -6.93
CA TRP B 182 6.69 -17.31 -8.34
C TRP B 182 5.65 -17.89 -9.22
N GLU B 183 5.67 -17.50 -10.50
CA GLU B 183 4.84 -18.13 -11.55
C GLU B 183 5.56 -18.09 -12.90
N SER B 184 5.41 -19.16 -13.68
CA SER B 184 6.19 -19.37 -14.91
C SER B 184 6.07 -18.22 -15.93
N SER B 185 4.83 -17.74 -16.09
CA SER B 185 4.53 -16.64 -16.97
C SER B 185 4.44 -15.33 -16.18
N ALA B 186 5.56 -14.91 -15.55
CA ALA B 186 5.57 -13.61 -14.83
C ALA B 186 6.55 -12.60 -15.39
N VAL B 187 6.04 -11.41 -15.73
CA VAL B 187 6.90 -10.28 -16.16
C VAL B 187 7.92 -9.94 -15.06
N VAL B 188 7.46 -9.99 -13.82
CA VAL B 188 8.25 -9.68 -12.59
C VAL B 188 7.45 -10.10 -11.34
N ALA B 189 8.12 -10.78 -10.42
CA ALA B 189 7.63 -11.16 -9.09
C ALA B 189 8.67 -10.60 -8.15
N SER B 190 8.25 -10.08 -6.99
CA SER B 190 9.19 -9.65 -5.95
C SER B 190 8.59 -9.80 -4.57
N PHE B 191 9.49 -9.72 -3.60
CA PHE B 191 9.02 -9.63 -2.23
C PHE B 191 9.94 -8.80 -1.37
N GLU B 192 9.39 -8.27 -0.28
CA GLU B 192 10.21 -7.80 0.79
C GLU B 192 9.66 -8.13 2.14
N ALA B 193 10.61 -8.41 3.01
CA ALA B 193 10.36 -8.71 4.37
C ALA B 193 11.18 -7.77 5.26
N THR B 194 10.55 -7.25 6.30
CA THR B 194 11.19 -6.49 7.38
C THR B 194 10.76 -7.05 8.71
N PHE B 195 11.68 -7.08 9.68
CA PHE B 195 11.33 -7.40 11.07
C PHE B 195 12.27 -6.63 11.98
N THR B 196 11.84 -6.39 13.20
CA THR B 196 12.73 -5.82 14.23
C THR B 196 12.83 -6.87 15.31
N PHE B 197 14.01 -6.92 15.94
CA PHE B 197 14.35 -8.00 16.87
C PHE B 197 15.12 -7.46 18.06
N LEU B 198 15.16 -8.29 19.10
CA LEU B 198 15.84 -7.94 20.31
C LEU B 198 16.48 -9.22 20.83
N ILE B 199 17.79 -9.31 20.62
CA ILE B 199 18.57 -10.42 21.11
C ILE B 199 19.35 -9.90 22.33
N LYS B 200 19.00 -10.41 23.51
CA LYS B 200 19.68 -10.16 24.80
C LYS B 200 20.11 -11.51 25.41
N SER B 201 21.40 -11.64 25.75
CA SER B 201 21.84 -12.79 26.54
C SER B 201 22.67 -12.46 27.84
N PRO B 202 22.45 -13.25 28.92
CA PRO B 202 23.18 -13.15 30.14
C PRO B 202 24.51 -13.90 29.99
N ASP B 203 24.64 -14.75 28.95
CA ASP B 203 25.89 -15.44 28.66
C ASP B 203 26.93 -14.52 28.03
N SER B 204 28.19 -14.92 28.24
CA SER B 204 29.32 -14.25 27.61
C SER B 204 29.19 -14.40 26.11
N HIS B 205 28.62 -15.56 25.71
CA HIS B 205 28.39 -15.87 24.31
C HIS B 205 26.94 -16.22 24.00
N PRO B 206 26.29 -15.31 23.30
CA PRO B 206 24.95 -15.54 22.78
C PRO B 206 24.88 -16.65 21.74
N ALA B 207 23.80 -17.41 21.78
CA ALA B 207 23.48 -18.39 20.75
C ALA B 207 21.94 -18.51 20.64
N ASP B 208 21.37 -18.82 19.46
CA ASP B 208 22.07 -19.24 18.22
C ASP B 208 21.81 -18.34 17.01
N GLY B 209 20.60 -17.78 16.97
CA GLY B 209 20.34 -16.66 16.11
C GLY B 209 18.89 -16.74 15.67
N ILE B 210 18.52 -15.89 14.73
CA ILE B 210 17.18 -15.77 14.14
C ILE B 210 17.32 -15.79 12.62
N ALA B 211 16.33 -16.37 11.94
CA ALA B 211 16.29 -16.38 10.52
C ALA B 211 14.94 -15.99 9.98
N PHE B 212 14.94 -15.30 8.83
CA PHE B 212 13.70 -15.21 8.04
C PHE B 212 13.77 -16.34 7.05
N PHE B 213 12.67 -17.02 6.84
CA PHE B 213 12.76 -18.12 5.90
C PHE B 213 11.58 -18.26 4.98
N ILE B 214 11.82 -18.95 3.85
CA ILE B 214 10.75 -19.32 2.89
C ILE B 214 10.87 -20.81 2.62
N SER B 215 9.73 -21.49 2.70
CA SER B 215 9.73 -22.93 2.66
C SER B 215 8.60 -23.55 1.82
N ASN B 216 8.69 -24.85 1.54
CA ASN B 216 7.45 -25.61 1.30
C ASN B 216 6.34 -25.26 2.32
N ILE B 217 5.07 -25.17 1.86
CA ILE B 217 3.95 -24.75 2.70
C ILE B 217 3.84 -25.64 3.93
N ASP B 218 4.24 -26.88 3.78
CA ASP B 218 4.02 -27.88 4.81
C ASP B 218 5.36 -28.09 5.60
N SER B 219 6.21 -27.07 5.65
CA SER B 219 7.38 -27.10 6.54
C SER B 219 7.05 -27.35 8.03
N SER B 220 7.83 -28.20 8.70
CA SER B 220 7.87 -28.12 10.17
C SER B 220 9.33 -28.12 10.70
N ILE B 221 9.47 -27.76 11.98
CA ILE B 221 10.79 -27.83 12.65
C ILE B 221 11.39 -29.21 12.46
N PRO B 222 12.57 -29.26 11.86
CA PRO B 222 13.18 -30.58 11.77
C PRO B 222 13.61 -31.14 13.15
N SER B 223 13.48 -32.45 13.39
CA SER B 223 13.68 -32.87 14.76
C SER B 223 15.16 -32.68 15.14
N GLY B 224 15.40 -32.27 16.38
CA GLY B 224 16.78 -32.01 16.84
C GLY B 224 17.40 -30.73 16.25
N SER B 225 16.65 -29.93 15.53
CA SER B 225 17.15 -28.61 15.01
C SER B 225 17.33 -27.42 16.00
N THR B 226 17.66 -27.71 17.25
CA THR B 226 18.01 -26.61 18.18
C THR B 226 19.41 -26.11 17.82
N GLY B 227 19.87 -25.06 18.51
CA GLY B 227 21.29 -24.71 18.41
C GLY B 227 21.66 -24.26 17.00
N ARG B 228 22.86 -24.66 16.55
CA ARG B 228 23.47 -24.28 15.23
C ARG B 228 22.59 -24.44 13.98
N LEU B 229 21.58 -25.32 14.07
CA LEU B 229 20.67 -25.61 12.94
C LEU B 229 19.55 -24.63 12.76
N LEU B 230 19.23 -23.86 13.80
CA LEU B 230 18.40 -22.66 13.66
C LEU B 230 16.93 -22.89 13.39
N GLY B 231 16.45 -24.13 13.58
CA GLY B 231 15.08 -24.49 13.41
C GLY B 231 14.76 -24.84 11.98
N LEU B 232 15.83 -24.97 11.19
CA LEU B 232 15.71 -24.93 9.73
C LEU B 232 16.12 -26.14 8.95
N PHE B 233 17.27 -26.77 9.31
CA PHE B 233 17.80 -27.86 8.56
C PHE B 233 17.88 -29.12 9.41
N PRO B 234 17.72 -30.34 8.81
CA PRO B 234 17.77 -31.50 9.73
C PRO B 234 19.19 -31.87 10.14
N ASP B 235 20.17 -31.33 9.40
CA ASP B 235 21.56 -31.68 9.56
C ASP B 235 22.44 -30.52 9.13
N ALA B 236 23.73 -30.69 9.32
CA ALA B 236 24.64 -29.58 9.05
C ALA B 236 25.26 -29.63 7.65
N ASN B 237 24.71 -30.50 6.79
CA ASN B 237 25.25 -30.74 5.48
C ASN B 237 24.99 -29.53 4.58
N ALA C 1 -9.84 34.74 -0.80
CA ALA C 1 -10.49 34.09 0.38
C ALA C 1 -10.33 32.58 0.22
N ASP C 2 -9.58 31.92 1.11
CA ASP C 2 -9.38 30.46 1.02
C ASP C 2 -10.68 29.66 1.28
N THR C 3 -10.74 28.42 0.83
CA THR C 3 -11.86 27.53 1.16
C THR C 3 -11.24 26.46 2.06
N ILE C 4 -11.65 26.38 3.34
CA ILE C 4 -11.03 25.49 4.34
C ILE C 4 -12.03 24.49 4.95
N VAL C 5 -11.57 23.24 4.93
CA VAL C 5 -12.18 22.12 5.68
C VAL C 5 -11.12 21.57 6.61
N ALA C 6 -11.43 21.55 7.93
CA ALA C 6 -10.36 21.13 8.83
C ALA C 6 -10.87 20.35 10.02
N VAL C 7 -10.01 19.50 10.56
CA VAL C 7 -10.23 18.95 11.90
C VAL C 7 -9.24 19.61 12.85
N GLU C 8 -9.74 20.24 13.90
CA GLU C 8 -8.94 21.05 14.84
C GLU C 8 -8.79 20.29 16.16
N LEU C 9 -7.58 20.37 16.73
CA LEU C 9 -7.34 19.92 18.07
C LEU C 9 -7.06 21.22 18.73
N ASP C 10 -8.14 21.68 19.40
CA ASP C 10 -8.24 22.98 19.93
C ASP C 10 -7.94 22.98 21.44
N THR C 11 -6.78 23.53 21.82
CA THR C 11 -6.28 23.36 23.17
C THR C 11 -6.80 24.44 24.00
N TYR C 12 -7.35 25.51 23.41
CA TYR C 12 -7.73 26.67 24.21
C TYR C 12 -9.17 27.19 24.01
N PRO C 13 -9.99 27.24 25.06
CA PRO C 13 -11.39 27.66 24.86
C PRO C 13 -11.59 29.14 24.61
N ASN C 14 -12.07 29.50 23.42
CA ASN C 14 -12.46 30.89 23.15
C ASN C 14 -13.99 30.86 23.14
N THR C 15 -14.60 30.86 24.30
CA THR C 15 -16.08 30.85 24.37
C THR C 15 -16.76 32.02 23.63
N ASP C 16 -16.03 33.12 23.36
CA ASP C 16 -16.59 34.23 22.63
C ASP C 16 -16.80 33.90 21.15
N ILE C 17 -16.18 32.83 20.64
CA ILE C 17 -16.39 32.38 19.26
C ILE C 17 -17.02 30.99 19.19
N GLY C 18 -17.72 30.67 20.25
CA GLY C 18 -18.51 29.45 20.29
C GLY C 18 -17.78 28.19 20.66
N ASP C 19 -16.45 28.22 20.90
CA ASP C 19 -15.73 27.10 21.53
C ASP C 19 -16.44 26.56 22.77
N PRO C 20 -16.39 25.26 23.01
CA PRO C 20 -16.90 24.84 24.32
C PRO C 20 -15.87 25.22 25.41
N SER C 21 -16.24 25.12 26.68
CA SER C 21 -15.40 25.56 27.81
C SER C 21 -14.27 24.59 28.20
N TYR C 22 -13.87 23.71 27.29
CA TYR C 22 -12.80 22.77 27.54
C TYR C 22 -12.04 22.58 26.24
N PRO C 23 -10.80 22.06 26.33
CA PRO C 23 -10.13 21.56 25.13
C PRO C 23 -11.00 20.54 24.41
N HIS C 24 -10.96 20.54 23.07
CA HIS C 24 -11.93 19.79 22.24
C HIS C 24 -11.36 19.53 20.85
N ILE C 25 -11.82 18.47 20.18
CA ILE C 25 -11.56 18.33 18.76
C ILE C 25 -12.80 18.85 17.98
N GLY C 26 -12.63 19.27 16.73
CA GLY C 26 -13.85 19.82 16.08
C GLY C 26 -13.74 19.61 14.62
N ILE C 27 -14.85 19.63 13.93
CA ILE C 27 -14.81 19.66 12.46
C ILE C 27 -15.21 21.04 11.99
N ASP C 28 -14.30 21.65 11.22
CA ASP C 28 -14.51 23.02 10.70
C ASP C 28 -14.79 23.06 9.20
N ILE C 29 -15.97 23.56 8.84
CA ILE C 29 -16.35 23.64 7.42
C ILE C 29 -16.48 25.16 7.06
N LYS C 30 -15.45 25.74 6.45
CA LYS C 30 -15.42 27.18 6.08
C LYS C 30 -15.72 28.16 7.25
N SER C 31 -15.49 27.70 8.48
CA SER C 31 -15.59 28.57 9.66
C SER C 31 -14.82 27.94 10.79
N VAL C 32 -14.24 28.81 11.63
CA VAL C 32 -13.50 28.41 12.85
C VAL C 32 -14.51 28.00 13.89
N ARG C 33 -15.75 28.49 13.72
CA ARG C 33 -16.84 28.00 14.57
C ARG C 33 -17.30 26.58 14.15
N SER C 34 -16.89 25.59 14.93
CA SER C 34 -16.97 24.18 14.54
C SER C 34 -18.39 23.76 14.35
N LYS C 35 -18.61 22.88 13.36
CA LYS C 35 -19.94 22.35 13.08
C LYS C 35 -20.27 21.23 14.11
N LYS C 36 -19.23 20.55 14.58
CA LYS C 36 -19.46 19.49 15.58
C LYS C 36 -18.21 19.51 16.43
N THR C 37 -18.34 19.45 17.74
CA THR C 37 -17.16 19.39 18.65
C THR C 37 -17.30 18.18 19.61
N ALA C 38 -16.19 17.74 20.19
CA ALA C 38 -16.29 16.72 21.26
C ALA C 38 -15.19 17.07 22.27
N LYS C 39 -15.39 16.75 23.54
CA LYS C 39 -14.42 17.04 24.57
C LYS C 39 -13.17 16.20 24.42
N TRP C 40 -12.05 16.85 24.51
CA TRP C 40 -10.81 16.18 24.32
C TRP C 40 -9.89 16.50 25.47
N ASN C 41 -9.42 15.43 26.09
CA ASN C 41 -8.53 15.53 27.23
C ASN C 41 -7.08 15.58 26.79
N MET C 42 -6.69 16.75 26.33
CA MET C 42 -5.33 17.02 25.95
C MET C 42 -4.35 16.73 27.12
N GLN C 43 -3.24 16.05 26.83
CA GLN C 43 -2.27 15.62 27.79
C GLN C 43 -0.97 16.39 27.46
N ASN C 44 -0.72 17.44 28.25
CA ASN C 44 0.49 18.25 28.14
C ASN C 44 1.78 17.41 28.31
N GLY C 45 2.59 17.33 27.27
CA GLY C 45 3.87 16.64 27.31
C GLY C 45 3.87 15.28 26.64
N LYS C 46 2.75 14.86 26.08
CA LYS C 46 2.61 13.48 25.66
C LYS C 46 2.46 13.36 24.19
N VAL C 47 3.02 12.28 23.63
CA VAL C 47 2.72 11.97 22.24
C VAL C 47 1.29 11.42 22.04
N GLY C 48 0.46 12.07 21.24
CA GLY C 48 -0.81 11.47 20.80
C GLY C 48 -0.89 11.20 19.28
N THR C 49 -1.99 10.56 18.83
CA THR C 49 -2.28 10.23 17.44
C THR C 49 -3.64 10.80 17.06
N ALA C 50 -3.69 11.41 15.84
CA ALA C 50 -4.98 11.78 15.20
C ALA C 50 -5.14 11.05 13.88
N HIS C 51 -6.40 10.64 13.65
CA HIS C 51 -6.87 9.93 12.49
C HIS C 51 -8.07 10.63 11.95
N ILE C 52 -8.04 10.92 10.65
CA ILE C 52 -9.12 11.64 9.98
C ILE C 52 -9.51 10.82 8.78
N ILE C 53 -10.81 10.64 8.52
CA ILE C 53 -11.27 9.73 7.44
C ILE C 53 -12.55 10.24 6.77
N TYR C 54 -12.67 9.97 5.47
CA TYR C 54 -13.88 10.38 4.71
C TYR C 54 -13.97 9.48 3.50
N ASN C 55 -15.21 9.16 3.15
CA ASN C 55 -15.53 8.54 1.89
C ASN C 55 -16.82 9.17 1.34
N SER C 56 -16.95 9.10 0.02
CA SER C 56 -17.95 9.83 -0.76
C SER C 56 -19.30 9.10 -0.85
N VAL C 57 -19.32 7.89 -0.31
CA VAL C 57 -20.52 7.08 -0.17
C VAL C 57 -21.29 7.52 1.09
N ASP C 58 -20.62 7.53 2.24
CA ASP C 58 -21.28 7.91 3.49
C ASP C 58 -21.31 9.42 3.60
N LYS C 59 -20.44 10.08 2.80
CA LYS C 59 -20.18 11.55 2.88
C LYS C 59 -20.06 12.03 4.32
N ARG C 60 -19.10 11.48 5.05
CA ARG C 60 -19.08 11.77 6.49
C ARG C 60 -17.62 11.91 6.90
N LEU C 61 -17.30 13.08 7.46
CA LEU C 61 -15.96 13.36 7.87
C LEU C 61 -15.82 13.13 9.40
N SER C 62 -14.87 12.25 9.79
CA SER C 62 -14.79 11.74 11.15
C SER C 62 -13.32 11.81 11.52
N ALA C 63 -13.07 11.93 12.82
CA ALA C 63 -11.71 12.05 13.33
C ALA C 63 -11.72 11.44 14.69
N VAL C 64 -10.65 10.72 15.02
CA VAL C 64 -10.43 10.27 16.40
C VAL C 64 -9.02 10.70 16.84
N VAL C 65 -8.96 11.27 18.07
CA VAL C 65 -7.70 11.78 18.60
C VAL C 65 -7.44 11.03 19.90
N SER C 66 -6.23 10.53 20.06
CA SER C 66 -6.00 9.52 21.10
C SER C 66 -4.62 9.60 21.77
N TYR C 67 -4.55 9.32 23.07
CA TYR C 67 -3.28 8.99 23.70
C TYR C 67 -3.31 7.54 24.17
N PRO C 68 -2.11 6.87 24.28
CA PRO C 68 -2.06 5.48 24.73
C PRO C 68 -2.72 5.30 26.06
N ASN C 69 -3.39 4.17 26.23
CA ASN C 69 -4.15 3.80 27.45
C ASN C 69 -5.24 4.76 27.93
N ALA C 70 -5.58 5.75 27.11
CA ALA C 70 -6.67 6.68 27.46
C ALA C 70 -7.88 6.44 26.56
N ASP C 71 -9.06 6.85 27.02
CA ASP C 71 -10.22 6.85 26.16
C ASP C 71 -9.99 7.84 25.05
N SER C 72 -10.37 7.45 23.84
CA SER C 72 -10.35 8.37 22.67
C SER C 72 -11.38 9.45 22.70
N ALA C 73 -11.02 10.58 22.09
CA ALA C 73 -12.00 11.55 21.68
C ALA C 73 -12.35 11.31 20.18
N THR C 74 -13.66 11.38 19.87
CA THR C 74 -14.19 11.13 18.54
C THR C 74 -15.22 12.19 18.09
N VAL C 75 -15.16 12.57 16.82
CA VAL C 75 -16.09 13.52 16.26
C VAL C 75 -16.36 13.27 14.77
N SER C 76 -17.60 13.51 14.37
CA SER C 76 -18.18 13.17 13.06
C SER C 76 -19.15 14.26 12.60
N TYR C 77 -19.16 14.53 11.30
CA TYR C 77 -20.09 15.50 10.73
C TYR C 77 -20.55 15.05 9.35
N ASP C 78 -21.85 15.12 9.09
CA ASP C 78 -22.33 14.69 7.76
C ASP C 78 -22.14 15.87 6.84
N VAL C 79 -21.43 15.67 5.72
CA VAL C 79 -21.13 16.80 4.81
C VAL C 79 -20.67 16.20 3.48
N ASP C 80 -21.23 16.68 2.37
CA ASP C 80 -20.77 16.29 1.03
C ASP C 80 -19.62 17.21 0.68
N LEU C 81 -18.37 16.72 0.82
CA LEU C 81 -17.22 17.55 0.48
C LEU C 81 -17.17 18.00 -0.98
N ASP C 82 -17.88 17.27 -1.87
CA ASP C 82 -18.14 17.67 -3.28
C ASP C 82 -18.79 19.03 -3.41
N ASN C 83 -19.60 19.39 -2.42
CA ASN C 83 -20.28 20.67 -2.43
C ASN C 83 -19.46 21.77 -1.81
N VAL C 84 -18.36 21.43 -1.13
CA VAL C 84 -17.65 22.45 -0.35
C VAL C 84 -16.33 22.80 -0.99
N LEU C 85 -15.51 21.78 -1.20
CA LEU C 85 -14.15 21.98 -1.72
C LEU C 85 -14.08 22.06 -3.26
N PRO C 86 -13.02 22.72 -3.84
CA PRO C 86 -12.78 22.52 -5.28
C PRO C 86 -12.28 21.08 -5.58
N GLU C 87 -12.22 20.71 -6.88
CA GLU C 87 -11.89 19.32 -7.32
C GLU C 87 -10.47 18.91 -6.89
N TRP C 88 -9.55 19.89 -7.02
CA TRP C 88 -8.14 19.79 -6.62
C TRP C 88 -7.86 20.60 -5.38
N VAL C 89 -7.11 20.03 -4.44
CA VAL C 89 -6.87 20.77 -3.23
C VAL C 89 -5.42 20.47 -2.90
N ARG C 90 -4.90 21.15 -1.90
CA ARG C 90 -3.81 20.68 -1.07
C ARG C 90 -4.24 20.25 0.32
N VAL C 91 -3.42 19.45 0.95
CA VAL C 91 -3.72 19.07 2.33
C VAL C 91 -2.58 19.46 3.17
N GLY C 92 -2.88 19.78 4.43
CA GLY C 92 -1.78 20.24 5.25
C GLY C 92 -2.07 20.05 6.72
N LEU C 93 -1.18 20.63 7.52
CA LEU C 93 -1.26 20.72 8.94
C LEU C 93 -0.97 22.19 9.26
N SER C 94 -1.57 22.67 10.34
CA SER C 94 -1.59 24.09 10.73
C SER C 94 -1.56 24.16 12.24
N ALA C 95 -0.96 25.21 12.77
CA ALA C 95 -0.94 25.38 14.21
C ALA C 95 -0.66 26.83 14.55
N SER C 96 -1.05 27.24 15.76
CA SER C 96 -0.80 28.63 16.17
C SER C 96 -0.68 28.67 17.69
N THR C 97 -0.10 29.79 18.13
CA THR C 97 -0.12 30.33 19.46
C THR C 97 -0.68 31.77 19.46
N GLY C 98 -1.09 32.27 20.64
CA GLY C 98 -1.47 33.73 20.74
C GLY C 98 -0.83 34.30 21.97
N LEU C 99 -1.67 34.64 22.94
CA LEU C 99 -1.20 35.18 24.21
C LEU C 99 -0.82 34.01 25.09
N TYR C 100 -1.47 32.87 24.91
CA TYR C 100 -0.96 31.62 25.49
C TYR C 100 -0.19 30.78 24.39
N LYS C 101 0.60 29.81 24.81
CA LYS C 101 1.53 29.17 23.84
C LYS C 101 1.74 27.71 24.18
N GLU C 102 2.30 26.94 23.26
CA GLU C 102 2.55 25.48 23.41
C GLU C 102 3.42 25.17 22.20
N THR C 103 4.20 24.09 22.26
CA THR C 103 4.88 23.54 21.11
C THR C 103 3.82 22.80 20.37
N ASN C 104 3.89 22.90 19.06
CA ASN C 104 2.94 22.23 18.20
C ASN C 104 3.84 21.40 17.29
N THR C 105 4.46 20.36 17.87
CA THR C 105 5.39 19.50 17.13
C THR C 105 4.70 18.30 16.49
N ILE C 106 5.08 18.00 15.25
CA ILE C 106 4.54 16.90 14.52
C ILE C 106 5.65 15.86 14.35
N LEU C 107 5.37 14.63 14.75
CA LEU C 107 6.34 13.57 14.69
C LEU C 107 6.20 12.68 13.42
N SER C 108 5.01 12.65 12.83
CA SER C 108 4.83 11.73 11.73
C SER C 108 3.57 12.17 11.03
N TRP C 109 3.44 11.86 9.75
CA TRP C 109 2.21 12.33 9.09
C TRP C 109 2.10 11.50 7.88
N SER C 110 0.92 10.90 7.72
CA SER C 110 0.62 10.12 6.55
C SER C 110 -0.74 10.44 5.99
N PHE C 111 -0.89 10.10 4.71
CA PHE C 111 -2.10 10.48 3.99
C PHE C 111 -2.31 9.56 2.82
N THR C 112 -3.58 9.22 2.56
CA THR C 112 -3.95 8.34 1.45
C THR C 112 -5.29 8.75 0.86
N SER C 113 -5.36 8.83 -0.46
CA SER C 113 -6.48 9.39 -1.20
C SER C 113 -6.64 8.49 -2.38
N LYS C 114 -7.89 8.15 -2.71
CA LYS C 114 -8.20 7.17 -3.76
C LYS C 114 -9.48 7.61 -4.35
N LEU C 115 -9.51 7.48 -5.66
CA LEU C 115 -10.64 7.85 -6.49
C LEU C 115 -10.82 6.73 -7.49
N LYS C 116 -12.02 6.15 -7.53
CA LYS C 116 -12.39 5.24 -8.57
C LYS C 116 -13.43 5.92 -9.47
N SER C 117 -13.13 6.03 -10.77
CA SER C 117 -14.06 6.68 -11.75
C SER C 117 -15.24 5.81 -12.19
N ASN C 118 -16.34 6.49 -12.54
CA ASN C 118 -17.59 5.84 -13.04
C ASN C 118 -17.48 5.40 -14.50
N SER C 119 -16.49 5.90 -15.22
CA SER C 119 -16.11 5.29 -16.52
C SER C 119 -14.87 4.39 -16.48
N THR C 120 -15.13 3.16 -16.93
CA THR C 120 -14.34 1.95 -16.67
C THR C 120 -13.55 1.81 -15.34
N HIS C 121 -14.02 2.49 -14.29
CA HIS C 121 -13.61 2.23 -12.88
C HIS C 121 -12.14 2.00 -12.74
N GLU C 122 -11.36 2.96 -13.22
CA GLU C 122 -9.93 2.96 -13.00
C GLU C 122 -9.69 3.80 -11.74
N THR C 123 -8.88 3.26 -10.82
CA THR C 123 -8.43 3.93 -9.58
C THR C 123 -7.15 4.75 -9.73
N ASN C 124 -7.24 6.02 -9.31
CA ASN C 124 -6.11 6.90 -9.08
C ASN C 124 -5.89 7.08 -7.59
N ALA C 125 -4.64 7.00 -7.17
CA ALA C 125 -4.33 6.99 -5.74
C ALA C 125 -3.11 7.84 -5.48
N LEU C 126 -3.12 8.47 -4.29
CA LEU C 126 -1.96 9.14 -3.72
C LEU C 126 -1.69 8.72 -2.29
N HIS C 127 -0.43 8.43 -1.98
CA HIS C 127 -0.09 8.10 -0.60
C HIS C 127 1.22 8.72 -0.28
N PHE C 128 1.28 9.44 0.82
CA PHE C 128 2.60 9.91 1.32
C PHE C 128 2.75 9.51 2.77
N MET C 129 4.00 9.28 3.12
CA MET C 129 4.34 9.05 4.50
C MET C 129 5.62 9.69 4.99
N PHE C 130 5.50 10.49 6.05
CA PHE C 130 6.65 11.03 6.79
C PHE C 130 6.70 10.50 8.22
N ASN C 131 7.72 9.73 8.50
CA ASN C 131 8.04 9.34 9.87
C ASN C 131 9.26 10.10 10.38
N GLN C 132 9.76 11.00 9.55
CA GLN C 132 10.93 11.82 9.91
C GLN C 132 10.84 13.03 8.98
N PHE C 133 11.24 14.18 9.47
CA PHE C 133 11.32 15.35 8.64
C PHE C 133 12.75 15.87 8.68
N SER C 134 13.24 16.35 7.56
CA SER C 134 14.65 16.79 7.48
C SER C 134 14.66 18.30 7.37
N LYS C 135 15.81 18.91 7.61
CA LYS C 135 16.05 20.33 7.44
C LYS C 135 15.52 20.88 6.10
N ASP C 136 15.65 20.11 5.02
CA ASP C 136 15.25 20.58 3.71
C ASP C 136 14.14 19.67 3.09
N GLN C 137 12.92 19.75 3.60
CA GLN C 137 11.87 18.82 3.16
C GLN C 137 11.17 19.46 1.90
N LYS C 138 11.79 19.24 0.74
CA LYS C 138 11.32 19.76 -0.57
C LYS C 138 9.89 19.34 -1.02
N ASP C 139 9.35 18.25 -0.49
CA ASP C 139 7.95 17.93 -0.77
C ASP C 139 6.92 18.52 0.21
N LEU C 140 7.38 19.40 1.11
CA LEU C 140 6.48 20.24 1.90
C LEU C 140 6.64 21.68 1.54
N ILE C 141 5.50 22.36 1.45
CA ILE C 141 5.43 23.80 1.41
C ILE C 141 5.22 24.28 2.87
N LEU C 142 6.19 25.03 3.38
CA LEU C 142 6.20 25.50 4.74
C LEU C 142 5.81 26.92 4.70
N GLN C 143 4.79 27.30 5.49
CA GLN C 143 4.32 28.70 5.52
C GLN C 143 4.45 29.25 6.94
N GLY C 144 4.82 30.50 7.03
CA GLY C 144 4.90 31.27 8.30
C GLY C 144 6.03 30.73 9.17
N ASP C 145 5.72 30.28 10.40
CA ASP C 145 6.75 29.91 11.34
C ASP C 145 7.19 28.43 11.23
N ALA C 146 6.61 27.65 10.33
CA ALA C 146 6.81 26.17 10.33
C ALA C 146 8.24 25.80 9.97
N THR C 147 8.87 24.88 10.69
CA THR C 147 10.26 24.51 10.32
C THR C 147 10.34 22.98 10.42
N THR C 148 11.31 22.38 9.73
CA THR C 148 11.52 20.95 9.80
C THR C 148 12.98 20.68 10.19
N GLY C 149 13.22 19.55 10.86
CA GLY C 149 14.57 19.00 10.95
C GLY C 149 15.12 19.00 12.35
N THR C 150 14.64 19.92 13.17
CA THR C 150 15.00 19.89 14.59
C THR C 150 14.58 18.53 15.18
N ASP C 151 15.57 17.67 15.45
CA ASP C 151 15.33 16.34 16.04
C ASP C 151 14.59 15.44 15.03
N GLY C 152 14.64 15.80 13.73
CA GLY C 152 13.86 15.09 12.74
C GLY C 152 12.35 15.32 12.85
N ASN C 153 11.90 16.38 13.52
CA ASN C 153 10.47 16.69 13.59
C ASN C 153 10.11 17.93 12.75
N LEU C 154 8.81 18.13 12.55
CA LEU C 154 8.15 19.31 11.97
C LEU C 154 7.62 20.19 13.11
N GLU C 155 8.13 21.42 13.26
CA GLU C 155 7.66 22.27 14.34
C GLU C 155 6.77 23.31 13.67
N LEU C 156 5.49 23.20 13.88
CA LEU C 156 4.54 24.08 13.15
C LEU C 156 4.63 25.52 13.66
N THR C 157 4.82 25.69 14.96
CA THR C 157 5.02 27.05 15.43
C THR C 157 6.38 27.23 16.04
N ARG C 158 6.73 28.51 16.28
CA ARG C 158 8.07 28.88 16.73
C ARG C 158 8.45 28.28 18.11
N VAL C 159 9.59 27.65 18.13
CA VAL C 159 10.22 27.16 19.33
C VAL C 159 11.55 27.86 19.51
N SER C 160 11.83 28.39 20.71
CA SER C 160 13.08 29.12 20.91
C SER C 160 14.27 28.14 21.10
N SER C 161 15.51 28.64 21.11
CA SER C 161 16.63 27.64 21.24
C SER C 161 16.70 26.75 22.55
N ASN C 162 16.33 27.32 23.70
CA ASN C 162 16.12 26.57 24.96
C ASN C 162 14.87 25.64 24.97
N GLY C 163 14.10 25.54 23.88
CA GLY C 163 13.01 24.56 23.79
C GLY C 163 11.63 25.02 24.26
N SER C 164 11.53 26.19 24.88
CA SER C 164 10.17 26.73 25.19
C SER C 164 9.42 27.35 23.99
N PRO C 165 8.09 27.28 24.03
CA PRO C 165 7.39 27.79 22.84
C PRO C 165 7.21 29.32 22.85
N GLN C 166 6.84 29.93 21.71
CA GLN C 166 6.53 31.38 21.65
C GLN C 166 5.06 31.63 21.31
N GLY C 167 4.52 32.71 21.91
CA GLY C 167 3.18 33.22 21.61
C GLY C 167 3.18 33.92 20.27
N SER C 168 2.01 34.40 19.87
CA SER C 168 1.82 35.01 18.56
C SER C 168 2.53 34.26 17.42
N SER C 169 2.42 32.93 17.34
CA SER C 169 3.04 32.22 16.21
C SER C 169 1.97 31.47 15.41
N VAL C 170 2.28 31.29 14.12
CA VAL C 170 1.47 30.55 13.21
C VAL C 170 2.42 29.96 12.13
N GLY C 171 2.22 28.69 11.78
CA GLY C 171 2.83 28.10 10.57
C GLY C 171 2.11 26.83 10.12
N ARG C 172 2.39 26.38 8.90
CA ARG C 172 1.61 25.33 8.30
C ARG C 172 2.56 24.59 7.43
N ALA C 173 2.27 23.31 7.19
CA ALA C 173 3.08 22.58 6.22
C ALA C 173 2.05 21.99 5.26
N LEU C 174 2.24 22.14 3.95
CA LEU C 174 1.31 21.54 2.98
C LEU C 174 2.05 20.55 2.11
N PHE C 175 1.46 19.38 1.87
CA PHE C 175 2.06 18.49 0.87
C PHE C 175 2.11 19.16 -0.49
N TYR C 176 3.20 18.94 -1.18
CA TYR C 176 3.56 19.71 -2.38
C TYR C 176 2.64 19.44 -3.56
N ALA C 177 2.36 18.17 -3.86
CA ALA C 177 1.47 17.87 -4.98
C ALA C 177 -0.02 18.22 -4.62
N PRO C 178 -0.75 18.86 -5.55
CA PRO C 178 -2.16 18.91 -5.41
C PRO C 178 -2.78 17.52 -5.35
N VAL C 179 -3.95 17.44 -4.75
CA VAL C 179 -4.66 16.18 -4.55
C VAL C 179 -6.09 16.30 -5.14
N HIS C 180 -6.48 15.28 -5.89
CA HIS C 180 -7.78 15.21 -6.47
C HIS C 180 -8.65 14.62 -5.39
N ILE C 181 -9.42 15.44 -4.65
CA ILE C 181 -10.24 14.81 -3.56
C ILE C 181 -11.64 14.33 -4.00
N TRP C 182 -12.09 14.79 -5.16
CA TRP C 182 -13.34 14.27 -5.66
C TRP C 182 -13.35 14.38 -7.16
N GLU C 183 -14.28 13.65 -7.77
CA GLU C 183 -14.51 13.73 -9.22
C GLU C 183 -15.95 13.45 -9.46
N SER C 184 -16.53 14.10 -10.48
CA SER C 184 -17.97 14.01 -10.69
C SER C 184 -18.44 12.59 -11.04
N SER C 185 -17.58 11.86 -11.74
CA SER C 185 -17.85 10.46 -12.09
C SER C 185 -17.01 9.46 -11.30
N ALA C 186 -17.06 9.52 -9.96
CA ALA C 186 -16.37 8.55 -9.09
C ALA C 186 -17.31 7.62 -8.35
N VAL C 187 -17.11 6.31 -8.52
CA VAL C 187 -17.90 5.29 -7.81
C VAL C 187 -17.71 5.45 -6.30
N VAL C 188 -16.45 5.61 -5.89
CA VAL C 188 -16.09 5.97 -4.49
C VAL C 188 -14.75 6.67 -4.49
N ALA C 189 -14.69 7.65 -3.62
CA ALA C 189 -13.52 8.37 -3.32
C ALA C 189 -13.39 8.41 -1.81
N SER C 190 -12.16 8.35 -1.33
CA SER C 190 -11.98 8.31 0.08
C SER C 190 -10.64 8.87 0.41
N PHE C 191 -10.56 9.37 1.63
CA PHE C 191 -9.18 9.66 2.17
C PHE C 191 -9.03 9.31 3.64
N GLU C 192 -7.77 9.22 4.03
CA GLU C 192 -7.42 9.05 5.42
C GLU C 192 -6.05 9.69 5.68
N ALA C 193 -5.96 10.39 6.79
CA ALA C 193 -4.76 11.08 7.17
C ALA C 193 -4.50 10.76 8.63
N THR C 194 -3.24 10.52 8.96
CA THR C 194 -2.92 10.29 10.35
C THR C 194 -1.67 11.14 10.67
N PHE C 195 -1.52 11.65 11.90
CA PHE C 195 -0.30 12.27 12.31
C PHE C 195 -0.12 12.08 13.79
N THR C 196 1.15 12.11 14.23
CA THR C 196 1.42 12.05 15.68
C THR C 196 1.97 13.43 16.06
N PHE C 197 1.68 13.89 17.28
CA PHE C 197 1.88 15.33 17.66
C PHE C 197 2.27 15.39 19.12
N LEU C 198 2.91 16.46 19.51
CA LEU C 198 3.44 16.54 20.85
C LEU C 198 3.16 17.95 21.23
N ILE C 199 2.13 18.16 22.04
CA ILE C 199 1.82 19.51 22.56
C ILE C 199 2.27 19.62 24.04
N LYS C 200 3.27 20.50 24.27
CA LYS C 200 3.93 20.75 25.54
C LYS C 200 3.85 22.26 25.83
N SER C 201 3.43 22.63 27.04
CA SER C 201 3.48 24.03 27.47
C SER C 201 4.10 24.16 28.89
N PRO C 202 4.96 25.17 29.10
CA PRO C 202 5.26 25.48 30.48
C PRO C 202 4.14 26.32 31.16
N ASP C 203 3.29 27.02 30.40
CA ASP C 203 2.10 27.68 31.01
C ASP C 203 1.15 26.62 31.71
N SER C 204 0.45 27.07 32.74
CA SER C 204 -0.80 26.46 33.20
C SER C 204 -1.79 26.25 32.06
N HIS C 205 -1.84 27.18 31.10
CA HIS C 205 -2.83 27.12 30.04
C HIS C 205 -2.18 27.05 28.68
N PRO C 206 -2.22 25.88 28.01
CA PRO C 206 -1.69 25.87 26.64
C PRO C 206 -2.59 26.57 25.59
N ALA C 207 -2.00 27.01 24.48
CA ALA C 207 -2.78 27.45 23.34
C ALA C 207 -1.93 27.38 22.06
N ASP C 208 -2.52 27.31 20.85
CA ASP C 208 -3.96 27.39 20.62
C ASP C 208 -4.46 26.07 20.01
N GLY C 209 -3.56 25.27 19.40
CA GLY C 209 -3.87 23.87 19.08
C GLY C 209 -3.42 23.61 17.63
N ILE C 210 -3.76 22.45 17.09
CA ILE C 210 -3.29 21.97 15.76
C ILE C 210 -4.47 21.55 14.90
N ALA C 211 -4.35 21.72 13.58
CA ALA C 211 -5.33 21.29 12.62
C ALA C 211 -4.75 20.50 11.44
N PHE C 212 -5.43 19.40 11.10
CA PHE C 212 -5.38 18.91 9.71
C PHE C 212 -6.36 19.69 8.82
N PHE C 213 -5.87 20.16 7.64
CA PHE C 213 -6.76 20.91 6.73
C PHE C 213 -6.67 20.50 5.28
N ILE C 214 -7.76 20.84 4.57
CA ILE C 214 -7.86 20.60 3.12
C ILE C 214 -8.27 21.91 2.55
N SER C 215 -7.53 22.45 1.61
CA SER C 215 -7.81 23.80 1.11
C SER C 215 -7.73 23.95 -0.42
N ASN C 216 -8.17 25.12 -0.97
CA ASN C 216 -7.78 25.44 -2.35
C ASN C 216 -6.25 25.36 -2.43
N ILE C 217 -5.75 25.00 -3.60
CA ILE C 217 -4.34 24.62 -3.80
C ILE C 217 -3.35 25.74 -3.57
N ASP C 218 -3.80 26.96 -3.90
CA ASP C 218 -3.07 28.18 -3.73
C ASP C 218 -3.31 28.84 -2.34
N SER C 219 -3.74 28.07 -1.35
CA SER C 219 -4.02 28.63 -0.01
C SER C 219 -2.76 29.14 0.72
N SER C 220 -2.92 30.24 1.46
CA SER C 220 -1.82 30.69 2.32
C SER C 220 -2.41 31.20 3.65
N ILE C 221 -1.54 31.59 4.59
CA ILE C 221 -1.94 31.74 6.03
C ILE C 221 -2.71 33.04 6.06
N PRO C 222 -4.00 33.04 6.52
CA PRO C 222 -4.62 34.37 6.39
C PRO C 222 -3.94 35.45 7.29
N SER C 223 -4.10 36.71 6.92
CA SER C 223 -3.37 37.78 7.61
C SER C 223 -3.91 37.87 9.07
N GLY C 224 -3.00 37.86 10.06
CA GLY C 224 -3.40 37.99 11.48
C GLY C 224 -4.07 36.70 12.08
N SER C 225 -3.83 35.52 11.47
CA SER C 225 -4.49 34.26 11.94
C SER C 225 -3.68 33.42 12.96
N THR C 226 -2.88 34.09 13.77
CA THR C 226 -2.30 33.51 15.00
C THR C 226 -3.48 33.22 15.97
N GLY C 227 -3.20 32.63 17.13
CA GLY C 227 -4.19 32.56 18.22
C GLY C 227 -5.34 31.63 17.77
N ARG C 228 -6.54 32.02 18.18
CA ARG C 228 -7.81 31.24 18.01
C ARG C 228 -8.19 30.81 16.59
N LEU C 229 -7.66 31.55 15.61
CA LEU C 229 -7.90 31.37 14.16
C LEU C 229 -7.06 30.24 13.56
N LEU C 230 -6.07 29.77 14.32
CA LEU C 230 -5.39 28.47 14.08
C LEU C 230 -4.60 28.39 12.73
N GLY C 231 -4.24 29.55 12.18
CA GLY C 231 -3.59 29.62 10.87
C GLY C 231 -4.54 29.35 9.66
N LEU C 232 -5.85 29.31 9.93
CA LEU C 232 -6.82 28.76 8.91
C LEU C 232 -7.78 29.75 8.25
N PHE C 233 -8.22 30.72 9.05
CA PHE C 233 -9.34 31.59 8.75
C PHE C 233 -8.95 33.05 8.90
N PRO C 234 -9.56 33.93 8.11
CA PRO C 234 -9.24 35.34 8.20
C PRO C 234 -9.99 36.04 9.34
N ASP C 235 -11.02 35.38 9.89
CA ASP C 235 -11.80 35.95 10.97
C ASP C 235 -12.63 34.86 11.67
N ALA C 236 -13.42 35.28 12.64
CA ALA C 236 -14.07 34.39 13.60
C ALA C 236 -15.51 34.02 13.19
N ASN C 237 -15.92 34.44 11.98
CA ASN C 237 -17.31 34.32 11.51
C ASN C 237 -17.72 32.87 11.25
N ALA D 1 23.48 22.04 -17.30
CA ALA D 1 22.26 21.46 -17.89
C ALA D 1 21.78 20.36 -16.91
N ASP D 2 20.73 19.64 -17.28
CA ASP D 2 20.03 18.79 -16.36
C ASP D 2 20.85 17.58 -16.06
N THR D 3 20.47 16.84 -15.02
CA THR D 3 21.12 15.59 -14.72
C THR D 3 20.01 14.60 -14.89
N ILE D 4 20.21 13.65 -15.81
CA ILE D 4 19.15 12.75 -16.19
C ILE D 4 19.63 11.33 -16.02
N VAL D 5 18.80 10.52 -15.34
CA VAL D 5 18.85 9.05 -15.36
C VAL D 5 17.53 8.52 -15.93
N ALA D 6 17.64 7.70 -17.00
CA ALA D 6 16.47 7.23 -17.70
C ALA D 6 16.51 5.82 -18.15
N VAL D 7 15.32 5.26 -18.39
CA VAL D 7 15.13 3.95 -19.03
C VAL D 7 14.44 4.28 -20.30
N GLU D 8 15.07 4.00 -21.43
CA GLU D 8 14.53 4.36 -22.73
C GLU D 8 13.88 3.14 -23.36
N LEU D 9 12.71 3.37 -23.95
CA LEU D 9 12.09 2.41 -24.90
C LEU D 9 12.32 3.02 -26.29
N ASP D 10 13.34 2.57 -26.98
CA ASP D 10 13.83 3.34 -28.10
C ASP D 10 13.46 2.67 -29.38
N THR D 11 12.55 3.30 -30.14
CA THR D 11 11.85 2.60 -31.23
C THR D 11 12.60 2.68 -32.53
N TYR D 12 13.56 3.60 -32.59
CA TYR D 12 14.23 3.95 -33.83
C TYR D 12 15.79 3.86 -33.75
N PRO D 13 16.38 2.96 -34.52
CA PRO D 13 17.85 2.81 -34.52
C PRO D 13 18.55 4.05 -35.09
N ASN D 14 19.19 4.81 -34.20
CA ASN D 14 20.05 5.89 -34.61
C ASN D 14 21.48 5.36 -34.50
N THR D 15 21.92 4.63 -35.50
CA THR D 15 23.28 4.03 -35.48
C THR D 15 24.42 5.04 -35.45
N ASP D 16 24.16 6.27 -35.89
CA ASP D 16 25.16 7.32 -35.80
C ASP D 16 25.50 7.77 -34.37
N ILE D 17 24.61 7.53 -33.40
CA ILE D 17 24.92 7.86 -32.00
C ILE D 17 25.00 6.61 -31.09
N GLY D 18 25.54 5.53 -31.64
CA GLY D 18 25.73 4.31 -30.89
C GLY D 18 24.49 3.48 -30.63
N ASP D 19 23.31 3.87 -31.13
CA ASP D 19 22.15 2.95 -31.01
C ASP D 19 22.45 1.59 -31.63
N PRO D 20 22.00 0.50 -31.01
CA PRO D 20 22.09 -0.74 -31.81
C PRO D 20 21.20 -0.73 -33.11
N SER D 21 21.38 -1.71 -34.00
CA SER D 21 20.65 -1.81 -35.28
C SER D 21 19.14 -2.15 -35.28
N TYR D 22 18.55 -2.19 -34.08
CA TYR D 22 17.18 -2.70 -33.91
C TYR D 22 16.55 -1.85 -32.79
N PRO D 23 15.20 -1.80 -32.74
CA PRO D 23 14.53 -1.19 -31.58
C PRO D 23 14.97 -1.92 -30.29
N HIS D 24 15.14 -1.17 -29.22
CA HIS D 24 15.83 -1.62 -28.03
C HIS D 24 15.30 -0.88 -26.80
N ILE D 25 15.65 -1.38 -25.64
CA ILE D 25 15.55 -0.64 -24.39
C ILE D 25 16.95 -0.38 -23.83
N GLY D 26 17.12 0.65 -23.00
CA GLY D 26 18.46 0.94 -22.56
C GLY D 26 18.41 1.60 -21.23
N ILE D 27 19.53 1.55 -20.52
CA ILE D 27 19.65 2.39 -19.32
C ILE D 27 20.50 3.66 -19.58
N ASP D 28 19.93 4.86 -19.35
CA ASP D 28 20.67 6.13 -19.72
C ASP D 28 21.12 6.83 -18.45
N ILE D 29 22.44 6.89 -18.29
CA ILE D 29 23.08 7.58 -17.20
C ILE D 29 23.77 8.86 -17.69
N LYS D 30 23.06 9.96 -17.58
CA LYS D 30 23.53 11.30 -18.03
C LYS D 30 24.00 11.38 -19.50
N SER D 31 23.58 10.41 -20.32
CA SER D 31 23.92 10.39 -21.77
C SER D 31 22.87 9.62 -22.55
N VAL D 32 22.58 10.07 -23.76
CA VAL D 32 21.62 9.36 -24.62
C VAL D 32 22.20 8.01 -25.10
N ARG D 33 23.51 7.92 -25.09
CA ARG D 33 24.14 6.70 -25.46
C ARG D 33 24.11 5.74 -24.27
N SER D 34 23.19 4.77 -24.35
CA SER D 34 22.78 4.02 -23.14
C SER D 34 24.02 3.29 -22.63
N LYS D 35 24.13 3.12 -21.30
CA LYS D 35 25.30 2.36 -20.80
C LYS D 35 24.99 0.84 -20.99
N LYS D 36 23.75 0.48 -21.30
CA LYS D 36 23.43 -0.92 -21.63
C LYS D 36 22.09 -0.95 -22.34
N THR D 37 21.95 -1.83 -23.31
CA THR D 37 20.74 -1.98 -24.12
C THR D 37 20.39 -3.46 -24.12
N ALA D 38 19.16 -3.81 -24.45
CA ALA D 38 18.76 -5.20 -24.82
C ALA D 38 17.81 -5.07 -25.99
N LYS D 39 17.70 -6.12 -26.80
CA LYS D 39 16.83 -6.08 -27.96
C LYS D 39 15.35 -6.06 -27.60
N TRP D 40 14.60 -5.12 -28.19
CA TRP D 40 13.16 -4.96 -27.91
C TRP D 40 12.29 -5.07 -29.17
N ASN D 41 11.41 -6.05 -29.27
CA ASN D 41 10.53 -6.17 -30.44
C ASN D 41 9.24 -5.39 -30.14
N MET D 42 9.31 -4.06 -30.28
CA MET D 42 8.16 -3.19 -30.11
C MET D 42 7.01 -3.72 -31.02
N GLN D 43 5.80 -3.69 -30.51
CA GLN D 43 4.67 -4.16 -31.31
C GLN D 43 3.72 -3.00 -31.65
N ASN D 44 3.61 -2.67 -32.93
CA ASN D 44 2.89 -1.49 -33.40
C ASN D 44 1.44 -1.64 -33.02
N GLY D 45 0.91 -0.71 -32.20
CA GLY D 45 -0.54 -0.67 -31.97
C GLY D 45 -0.98 -1.55 -30.79
N LYS D 46 -0.03 -2.13 -30.07
CA LYS D 46 -0.47 -3.02 -29.00
C LYS D 46 -0.03 -2.44 -27.66
N VAL D 47 -0.89 -2.57 -26.65
CA VAL D 47 -0.72 -2.02 -25.29
C VAL D 47 0.47 -2.80 -24.62
N GLY D 48 1.54 -2.10 -24.31
CA GLY D 48 2.63 -2.73 -23.54
C GLY D 48 2.71 -2.27 -22.08
N THR D 49 3.60 -2.91 -21.32
CA THR D 49 3.91 -2.57 -19.92
C THR D 49 5.44 -2.48 -19.77
N ALA D 50 5.90 -1.48 -19.05
CA ALA D 50 7.30 -1.34 -18.62
C ALA D 50 7.35 -1.26 -17.07
N HIS D 51 8.40 -1.82 -16.47
CA HIS D 51 8.64 -1.85 -15.00
C HIS D 51 10.07 -1.50 -14.80
N ILE D 52 10.34 -0.56 -13.93
CA ILE D 52 11.71 -0.16 -13.62
C ILE D 52 11.82 -0.29 -12.07
N ILE D 53 12.96 -0.75 -11.55
CA ILE D 53 13.14 -0.92 -10.10
C ILE D 53 14.63 -0.63 -9.78
N TYR D 54 14.87 -0.31 -8.52
CA TYR D 54 16.18 -0.02 -7.98
C TYR D 54 16.08 -0.04 -6.48
N ASN D 55 17.15 -0.47 -5.80
CA ASN D 55 17.24 -0.36 -4.35
C ASN D 55 18.70 -0.08 -4.09
N SER D 56 18.98 0.47 -2.91
CA SER D 56 20.29 1.06 -2.62
C SER D 56 21.24 0.04 -2.01
N VAL D 57 20.73 -1.17 -1.73
CA VAL D 57 21.53 -2.29 -1.30
C VAL D 57 22.30 -2.92 -2.48
N ASP D 58 21.59 -3.25 -3.54
CA ASP D 58 22.21 -3.84 -4.77
C ASP D 58 22.82 -2.78 -5.70
N LYS D 59 22.23 -1.60 -5.64
CA LYS D 59 22.60 -0.49 -6.51
C LYS D 59 22.75 -0.98 -7.98
N ARG D 60 21.59 -1.48 -8.45
CA ARG D 60 21.37 -2.05 -9.77
C ARG D 60 20.02 -1.56 -10.27
N LEU D 61 20.07 -0.82 -11.35
CA LEU D 61 18.89 -0.27 -11.96
C LEU D 61 18.53 -1.22 -13.09
N SER D 62 17.30 -1.69 -13.02
CA SER D 62 16.82 -2.75 -13.89
C SER D 62 15.42 -2.41 -14.43
N ALA D 63 15.12 -2.99 -15.61
CA ALA D 63 13.86 -2.72 -16.28
C ALA D 63 13.34 -3.90 -17.07
N VAL D 64 12.02 -4.04 -17.16
CA VAL D 64 11.43 -5.07 -18.00
C VAL D 64 10.26 -4.42 -18.80
N VAL D 65 10.27 -4.68 -20.09
CA VAL D 65 9.26 -4.24 -21.01
C VAL D 65 8.71 -5.47 -21.69
N SER D 66 7.39 -5.61 -21.70
CA SER D 66 6.76 -6.76 -22.33
C SER D 66 5.35 -6.53 -22.93
N TYR D 67 4.95 -7.45 -23.78
CA TYR D 67 3.59 -7.52 -24.25
C TYR D 67 2.96 -8.85 -23.80
N PRO D 68 1.63 -8.85 -23.54
CA PRO D 68 1.01 -10.14 -23.21
C PRO D 68 1.41 -11.22 -24.18
N ASN D 69 1.77 -12.39 -23.66
CA ASN D 69 2.14 -13.55 -24.49
C ASN D 69 3.45 -13.49 -25.29
N ALA D 70 4.21 -12.43 -25.11
CA ALA D 70 5.54 -12.33 -25.74
C ALA D 70 6.66 -12.65 -24.73
N ASP D 71 7.87 -12.93 -25.22
CA ASP D 71 9.06 -12.94 -24.36
C ASP D 71 9.39 -11.47 -23.97
N SER D 72 9.78 -11.28 -22.72
CA SER D 72 10.09 -9.94 -22.18
C SER D 72 11.44 -9.51 -22.65
N ALA D 73 11.62 -8.20 -22.74
CA ALA D 73 12.98 -7.61 -22.91
C ALA D 73 13.37 -7.01 -21.52
N THR D 74 14.58 -7.29 -21.08
CA THR D 74 15.03 -6.86 -19.77
C THR D 74 16.46 -6.25 -19.90
N VAL D 75 16.76 -5.26 -19.09
CA VAL D 75 18.12 -4.69 -19.12
C VAL D 75 18.43 -4.17 -17.72
N SER D 76 19.71 -4.25 -17.35
CA SER D 76 20.16 -3.86 -16.00
C SER D 76 21.53 -3.21 -16.08
N TYR D 77 21.80 -2.35 -15.11
CA TYR D 77 23.10 -1.68 -15.04
C TYR D 77 23.39 -1.34 -13.60
N ASP D 78 24.56 -1.79 -13.15
CA ASP D 78 25.08 -1.56 -11.82
C ASP D 78 25.53 -0.10 -11.74
N VAL D 79 24.85 0.68 -10.91
CA VAL D 79 25.04 2.11 -10.80
C VAL D 79 24.59 2.52 -9.39
N ASP D 80 25.40 3.32 -8.72
CA ASP D 80 25.05 3.85 -7.43
C ASP D 80 24.42 5.19 -7.70
N LEU D 81 23.07 5.26 -7.66
CA LEU D 81 22.33 6.52 -7.92
C LEU D 81 22.56 7.75 -7.00
N ASP D 82 22.82 7.56 -5.69
CA ASP D 82 23.31 8.73 -4.86
C ASP D 82 24.64 9.32 -5.35
N ASN D 83 25.37 8.59 -6.21
CA ASN D 83 26.60 9.07 -6.80
C ASN D 83 26.28 9.94 -8.03
N VAL D 84 25.09 9.81 -8.60
CA VAL D 84 24.77 10.46 -9.89
C VAL D 84 23.77 11.61 -9.74
N LEU D 85 22.74 11.38 -8.94
CA LEU D 85 21.54 12.26 -8.89
C LEU D 85 21.62 13.04 -7.62
N PRO D 86 21.02 14.24 -7.60
CA PRO D 86 20.93 15.02 -6.36
C PRO D 86 19.97 14.32 -5.35
N GLU D 87 19.85 14.82 -4.12
CA GLU D 87 19.18 14.07 -3.03
C GLU D 87 17.68 14.14 -3.28
N TRP D 88 17.30 15.23 -3.93
CA TRP D 88 15.94 15.43 -4.35
C TRP D 88 15.84 15.41 -5.88
N VAL D 89 14.89 14.63 -6.38
CA VAL D 89 14.58 14.58 -7.86
C VAL D 89 13.10 14.83 -8.19
N ARG D 90 12.77 14.79 -9.48
CA ARG D 90 11.38 14.58 -9.85
C ARG D 90 11.44 13.36 -10.74
N VAL D 91 10.34 12.60 -10.76
CA VAL D 91 10.16 11.51 -11.67
C VAL D 91 9.21 11.93 -12.79
N GLY D 92 9.45 11.37 -13.96
CA GLY D 92 8.64 11.62 -15.13
C GLY D 92 8.74 10.63 -16.26
N LEU D 93 7.93 10.97 -17.26
CA LEU D 93 7.75 10.24 -18.50
C LEU D 93 8.09 11.26 -19.65
N SER D 94 8.76 10.83 -20.69
CA SER D 94 9.13 11.70 -21.77
C SER D 94 8.88 10.95 -23.08
N ALA D 95 8.75 11.67 -24.19
CA ALA D 95 8.77 10.97 -25.51
C ALA D 95 9.01 11.93 -26.62
N SER D 96 9.31 11.40 -27.79
CA SER D 96 9.53 12.34 -28.91
C SER D 96 9.20 11.66 -30.24
N THR D 97 9.02 12.49 -31.24
CA THR D 97 9.07 12.09 -32.63
C THR D 97 10.01 13.03 -33.36
N GLY D 98 10.37 12.71 -34.58
CA GLY D 98 11.26 13.62 -35.34
C GLY D 98 10.73 13.61 -36.76
N LEU D 99 11.50 13.09 -37.70
CA LEU D 99 10.99 12.83 -39.08
C LEU D 99 10.00 11.65 -39.15
N TYR D 100 10.31 10.61 -38.44
CA TYR D 100 9.38 9.53 -38.34
C TYR D 100 8.68 9.68 -36.99
N LYS D 101 7.63 8.90 -36.79
CA LYS D 101 6.66 9.23 -35.79
C LYS D 101 5.87 8.02 -35.28
N GLU D 102 5.16 8.20 -34.17
CA GLU D 102 4.31 7.21 -33.57
C GLU D 102 3.55 7.96 -32.49
N THR D 103 2.41 7.42 -32.07
CA THR D 103 1.73 7.88 -30.83
C THR D 103 2.58 7.43 -29.64
N ASN D 104 2.80 8.31 -28.68
CA ASN D 104 3.41 7.93 -27.39
C ASN D 104 2.37 8.03 -26.27
N THR D 105 1.46 7.07 -26.25
CA THR D 105 0.30 7.18 -25.43
C THR D 105 0.52 6.44 -24.13
N ILE D 106 0.30 7.12 -23.00
CA ILE D 106 0.53 6.50 -21.70
C ILE D 106 -0.86 6.18 -21.17
N LEU D 107 -1.09 4.91 -20.85
CA LEU D 107 -2.42 4.56 -20.39
C LEU D 107 -2.53 4.45 -18.88
N SER D 108 -1.41 4.23 -18.22
CA SER D 108 -1.32 4.21 -16.78
C SER D 108 0.13 4.39 -16.36
N TRP D 109 0.31 4.92 -15.15
CA TRP D 109 1.62 5.26 -14.56
C TRP D 109 1.56 5.15 -13.06
N SER D 110 2.38 4.26 -12.47
CA SER D 110 2.49 4.24 -11.02
C SER D 110 3.94 4.26 -10.56
N PHE D 111 4.13 4.67 -9.29
CA PHE D 111 5.48 4.91 -8.75
C PHE D 111 5.39 4.79 -7.22
N THR D 112 6.40 4.13 -6.62
CA THR D 112 6.55 4.03 -5.15
C THR D 112 8.05 4.19 -4.88
N SER D 113 8.34 5.16 -4.02
CA SER D 113 9.65 5.41 -3.43
C SER D 113 9.57 5.24 -1.90
N LYS D 114 10.67 4.75 -1.32
CA LYS D 114 10.74 4.44 0.11
C LYS D 114 12.17 4.60 0.60
N LEU D 115 12.33 5.17 1.80
CA LEU D 115 13.64 5.39 2.45
C LEU D 115 13.53 5.01 3.92
N LYS D 116 14.37 4.07 4.38
CA LYS D 116 14.58 3.82 5.83
C LYS D 116 15.86 4.46 6.27
N SER D 117 15.77 5.37 7.24
CA SER D 117 16.98 6.05 7.74
C SER D 117 17.75 5.21 8.75
N ASN D 118 19.06 5.52 8.84
CA ASN D 118 19.99 4.92 9.79
C ASN D 118 19.71 5.33 11.27
N SER D 119 18.65 6.11 11.51
CA SER D 119 18.18 6.55 12.86
C SER D 119 16.75 7.17 12.82
N THR D 120 15.80 6.88 13.73
CA THR D 120 15.66 5.60 14.44
C THR D 120 14.91 4.62 13.49
N HIS D 121 15.52 4.31 12.34
CA HIS D 121 14.98 3.30 11.42
C HIS D 121 13.57 3.64 10.95
N GLU D 122 13.30 4.93 10.77
CA GLU D 122 11.98 5.45 10.37
C GLU D 122 11.83 5.56 8.83
N THR D 123 10.65 5.15 8.34
CA THR D 123 10.33 5.02 6.94
C THR D 123 9.63 6.25 6.37
N ASN D 124 10.16 6.75 5.24
CA ASN D 124 9.52 7.73 4.43
C ASN D 124 9.09 7.20 3.05
N ALA D 125 7.82 7.43 2.68
CA ALA D 125 7.29 6.88 1.46
C ALA D 125 6.40 7.82 0.65
N LEU D 126 6.49 7.61 -0.67
CA LEU D 126 5.66 8.25 -1.72
C LEU D 126 5.10 7.22 -2.67
N HIS D 127 3.80 7.34 -2.92
CA HIS D 127 3.22 6.47 -3.93
C HIS D 127 2.16 7.21 -4.64
N PHE D 128 2.23 7.09 -5.96
CA PHE D 128 1.17 7.60 -6.81
C PHE D 128 0.78 6.60 -7.87
N MET D 129 -0.52 6.63 -8.20
CA MET D 129 -1.04 5.76 -9.24
C MET D 129 -2.01 6.52 -10.15
N PHE D 130 -1.69 6.57 -11.45
CA PHE D 130 -2.68 7.00 -12.46
C PHE D 130 -3.05 5.80 -13.37
N ASN D 131 -4.28 5.33 -13.21
CA ASN D 131 -4.98 4.52 -14.20
C ASN D 131 -5.95 5.27 -15.15
N GLN D 132 -6.17 6.56 -14.93
CA GLN D 132 -6.81 7.50 -15.87
C GLN D 132 -6.13 8.92 -15.75
N PHE D 133 -6.19 9.73 -16.79
CA PHE D 133 -5.70 11.10 -16.74
C PHE D 133 -6.85 12.01 -17.15
N SER D 134 -7.09 13.06 -16.40
CA SER D 134 -8.13 13.94 -16.85
C SER D 134 -7.50 15.13 -17.56
N LYS D 135 -8.34 15.82 -18.30
CA LYS D 135 -8.07 17.09 -18.97
C LYS D 135 -7.27 18.12 -18.15
N ASP D 136 -7.64 18.34 -16.89
CA ASP D 136 -6.89 19.24 -16.00
C ASP D 136 -6.16 18.44 -14.89
N GLN D 137 -4.99 17.89 -15.21
CA GLN D 137 -4.34 16.97 -14.29
C GLN D 137 -3.27 17.71 -13.50
N LYS D 138 -3.74 18.38 -12.44
CA LYS D 138 -2.94 19.31 -11.59
C LYS D 138 -1.73 18.67 -10.86
N ASP D 139 -1.71 17.36 -10.63
CA ASP D 139 -0.54 16.82 -9.96
C ASP D 139 0.57 16.37 -10.94
N LEU D 140 0.46 16.78 -12.21
CA LEU D 140 1.51 16.58 -13.29
C LEU D 140 1.93 17.92 -13.81
N ILE D 141 3.22 18.10 -14.00
CA ILE D 141 3.74 19.23 -14.78
C ILE D 141 3.86 18.72 -16.18
N LEU D 142 3.14 19.35 -17.13
CA LEU D 142 3.26 18.89 -18.51
C LEU D 142 4.16 19.82 -19.26
N GLN D 143 5.10 19.27 -20.03
CA GLN D 143 6.08 20.13 -20.73
C GLN D 143 5.93 19.83 -22.20
N GLY D 144 6.12 20.84 -23.07
CA GLY D 144 6.24 20.63 -24.49
C GLY D 144 4.89 20.26 -25.06
N ASP D 145 4.83 19.15 -25.84
CA ASP D 145 3.55 18.78 -26.50
C ASP D 145 2.64 17.89 -25.61
N ALA D 146 3.06 17.56 -24.41
CA ALA D 146 2.30 16.55 -23.64
C ALA D 146 0.88 17.02 -23.28
N THR D 147 -0.14 16.16 -23.48
CA THR D 147 -1.50 16.55 -23.05
C THR D 147 -2.15 15.40 -22.30
N THR D 148 -3.13 15.70 -21.47
CA THR D 148 -3.83 14.66 -20.77
C THR D 148 -5.32 14.83 -21.04
N GLY D 149 -6.07 13.73 -20.92
CA GLY D 149 -7.55 13.74 -20.97
C GLY D 149 -8.25 13.16 -22.19
N THR D 150 -7.57 13.15 -23.35
CA THR D 150 -8.13 12.52 -24.55
C THR D 150 -8.26 11.01 -24.32
N ASP D 151 -9.50 10.56 -24.23
CA ASP D 151 -9.87 9.19 -23.86
C ASP D 151 -9.39 8.84 -22.45
N GLY D 152 -8.99 9.84 -21.66
CA GLY D 152 -8.37 9.61 -20.35
C GLY D 152 -6.90 9.17 -20.40
N ASN D 153 -6.21 9.44 -21.52
CA ASN D 153 -4.82 9.01 -21.67
C ASN D 153 -3.89 10.27 -21.63
N LEU D 154 -2.62 10.05 -21.32
CA LEU D 154 -1.62 11.12 -21.41
C LEU D 154 -0.98 10.95 -22.80
N GLU D 155 -1.16 11.93 -23.69
CA GLU D 155 -0.42 11.87 -24.97
C GLU D 155 0.90 12.62 -24.85
N LEU D 156 2.02 11.91 -24.73
CA LEU D 156 3.33 12.59 -24.55
C LEU D 156 3.70 13.43 -25.72
N THR D 157 3.41 12.94 -26.93
CA THR D 157 3.63 13.76 -28.13
C THR D 157 2.30 14.09 -28.85
N ARG D 158 2.39 15.02 -29.81
CA ARG D 158 1.23 15.54 -30.59
C ARG D 158 0.58 14.49 -31.48
N VAL D 159 -0.74 14.46 -31.40
CA VAL D 159 -1.58 13.64 -32.21
C VAL D 159 -2.63 14.63 -32.66
N SER D 160 -3.09 14.52 -33.92
CA SER D 160 -4.03 15.49 -34.46
C SER D 160 -5.44 15.01 -34.16
N SER D 161 -6.46 15.80 -34.51
CA SER D 161 -7.81 15.45 -34.09
C SER D 161 -8.25 14.08 -34.61
N ASN D 162 -7.60 13.57 -35.65
CA ASN D 162 -8.02 12.28 -36.27
C ASN D 162 -7.23 11.02 -35.84
N GLY D 163 -6.34 11.18 -34.85
CA GLY D 163 -5.62 10.04 -34.26
C GLY D 163 -4.20 9.85 -34.79
N SER D 164 -3.79 10.74 -35.68
CA SER D 164 -2.56 10.58 -36.43
C SER D 164 -1.36 11.22 -35.68
N PRO D 165 -0.31 10.44 -35.38
CA PRO D 165 0.84 11.01 -34.68
C PRO D 165 1.58 12.03 -35.55
N GLN D 166 2.22 13.04 -34.92
CA GLN D 166 2.90 14.10 -35.68
C GLN D 166 4.40 14.03 -35.51
N GLY D 167 5.15 14.41 -36.56
CA GLY D 167 6.59 14.48 -36.45
C GLY D 167 7.06 15.69 -35.62
N SER D 168 8.37 15.71 -35.31
CA SER D 168 9.07 16.82 -34.60
C SER D 168 8.35 17.30 -33.36
N SER D 169 7.90 16.35 -32.53
CA SER D 169 7.15 16.62 -31.34
C SER D 169 7.98 16.08 -30.16
N VAL D 170 7.91 16.77 -29.03
CA VAL D 170 8.58 16.28 -27.86
C VAL D 170 7.72 16.71 -26.70
N GLY D 171 7.46 15.82 -25.73
CA GLY D 171 6.67 16.25 -24.57
C GLY D 171 6.98 15.41 -23.35
N ARG D 172 6.84 15.98 -22.14
CA ARG D 172 7.00 15.19 -20.89
C ARG D 172 5.94 15.47 -19.81
N ALA D 173 5.82 14.54 -18.89
CA ALA D 173 4.91 14.71 -17.80
C ALA D 173 5.70 14.41 -16.55
N LEU D 174 5.86 15.41 -15.68
CA LEU D 174 6.50 15.12 -14.35
C LEU D 174 5.53 15.09 -13.16
N PHE D 175 5.76 14.16 -12.24
CA PHE D 175 4.97 14.18 -11.07
C PHE D 175 5.32 15.41 -10.31
N TYR D 176 4.31 16.00 -9.71
CA TYR D 176 4.42 17.38 -9.19
C TYR D 176 5.34 17.52 -7.95
N ALA D 177 5.19 16.61 -6.98
CA ALA D 177 5.97 16.68 -5.75
C ALA D 177 7.40 16.17 -6.02
N PRO D 178 8.43 16.85 -5.45
CA PRO D 178 9.80 16.33 -5.41
C PRO D 178 9.86 15.02 -4.62
N VAL D 179 10.78 14.14 -4.95
CA VAL D 179 10.85 12.77 -4.38
C VAL D 179 12.26 12.65 -3.80
N HIS D 180 12.38 11.94 -2.72
CA HIS D 180 13.61 11.93 -1.95
C HIS D 180 14.15 10.59 -2.30
N ILE D 181 15.11 10.51 -3.22
CA ILE D 181 15.47 9.15 -3.73
C ILE D 181 16.68 8.51 -3.08
N TRP D 182 17.44 9.35 -2.40
CA TRP D 182 18.44 8.87 -1.47
C TRP D 182 18.53 9.72 -0.24
N GLU D 183 19.09 9.13 0.80
CA GLU D 183 19.56 9.86 1.94
C GLU D 183 20.85 9.20 2.38
N SER D 184 21.86 10.01 2.70
CA SER D 184 23.18 9.52 3.13
C SER D 184 23.10 8.50 4.28
N SER D 185 22.23 8.79 5.28
CA SER D 185 21.98 7.86 6.37
C SER D 185 20.78 6.91 6.13
N ALA D 186 20.85 6.07 5.10
CA ALA D 186 19.73 5.18 4.81
C ALA D 186 20.04 3.69 4.78
N VAL D 187 19.33 2.96 5.65
CA VAL D 187 19.44 1.49 5.74
C VAL D 187 19.23 0.84 4.36
N VAL D 188 18.13 1.26 3.71
CA VAL D 188 17.76 0.87 2.34
C VAL D 188 16.74 1.91 1.84
N ALA D 189 16.92 2.22 0.57
CA ALA D 189 16.09 3.15 -0.17
C ALA D 189 15.78 2.41 -1.48
N SER D 190 14.52 2.52 -1.93
CA SER D 190 14.14 1.88 -3.17
C SER D 190 13.00 2.59 -3.90
N PHE D 191 12.85 2.26 -5.18
CA PHE D 191 11.66 2.65 -5.89
C PHE D 191 11.32 1.62 -6.97
N GLU D 192 10.08 1.74 -7.43
CA GLU D 192 9.63 1.03 -8.60
C GLU D 192 8.64 1.93 -9.34
N ALA D 193 8.77 1.93 -10.67
CA ALA D 193 7.85 2.61 -11.56
C ALA D 193 7.29 1.63 -12.61
N THR D 194 5.99 1.77 -12.90
CA THR D 194 5.22 1.01 -13.90
C THR D 194 4.45 1.97 -14.80
N PHE D 195 4.50 1.75 -16.12
CA PHE D 195 3.58 2.40 -17.00
C PHE D 195 3.08 1.48 -18.04
N THR D 196 1.92 1.81 -18.58
CA THR D 196 1.42 1.09 -19.76
C THR D 196 1.37 2.06 -20.92
N PHE D 197 1.73 1.58 -22.12
CA PHE D 197 1.90 2.47 -23.28
C PHE D 197 1.25 1.86 -24.54
N LEU D 198 0.96 2.69 -25.50
CA LEU D 198 0.40 2.19 -26.74
C LEU D 198 1.15 3.02 -27.75
N ILE D 199 2.02 2.36 -28.52
CA ILE D 199 2.83 2.98 -29.57
C ILE D 199 2.33 2.42 -30.90
N LYS D 200 1.87 3.33 -31.73
CA LYS D 200 1.10 3.06 -32.88
C LYS D 200 1.59 4.07 -33.93
N SER D 201 1.84 3.61 -35.15
CA SER D 201 2.41 4.42 -36.20
C SER D 201 1.97 3.96 -37.59
N PRO D 202 1.74 4.94 -38.52
CA PRO D 202 1.53 4.58 -39.92
C PRO D 202 2.85 4.39 -40.69
N ASP D 203 3.99 4.77 -40.08
CA ASP D 203 5.31 4.76 -40.74
C ASP D 203 5.89 3.35 -40.83
N SER D 204 6.66 3.06 -41.89
CA SER D 204 7.39 1.77 -41.96
C SER D 204 8.36 1.53 -40.76
N HIS D 205 9.08 2.59 -40.38
CA HIS D 205 9.91 2.66 -39.18
C HIS D 205 9.38 3.74 -38.21
N PRO D 206 8.66 3.31 -37.14
CA PRO D 206 8.24 4.14 -36.01
C PRO D 206 9.41 4.87 -35.29
N ALA D 207 9.14 6.04 -34.74
CA ALA D 207 10.17 6.82 -34.03
C ALA D 207 9.49 7.77 -33.02
N ASP D 208 10.11 8.12 -31.90
CA ASP D 208 11.50 7.76 -31.56
C ASP D 208 11.60 6.98 -30.28
N GLY D 209 10.61 7.13 -29.41
CA GLY D 209 10.65 6.40 -28.19
C GLY D 209 9.92 7.10 -27.03
N ILE D 210 9.84 6.38 -25.92
CA ILE D 210 9.38 6.83 -24.64
C ILE D 210 10.39 6.49 -23.56
N ALA D 211 10.54 7.37 -22.58
CA ALA D 211 11.42 7.14 -21.48
C ALA D 211 10.75 7.37 -20.12
N PHE D 212 11.08 6.51 -19.14
CA PHE D 212 10.95 6.87 -17.71
C PHE D 212 12.21 7.64 -17.29
N PHE D 213 12.02 8.81 -16.72
CA PHE D 213 13.22 9.48 -16.18
C PHE D 213 13.19 10.03 -14.77
N ILE D 214 14.41 10.23 -14.23
CA ILE D 214 14.60 10.84 -12.91
C ILE D 214 15.54 12.03 -13.10
N SER D 215 15.16 13.18 -12.59
CA SER D 215 16.00 14.35 -12.94
C SER D 215 16.20 15.31 -11.80
N ASN D 216 17.12 16.29 -11.91
CA ASN D 216 16.99 17.46 -11.05
C ASN D 216 15.51 17.94 -11.08
N ILE D 217 15.06 18.48 -9.96
CA ILE D 217 13.70 18.92 -9.84
C ILE D 217 13.31 20.05 -10.83
N ASP D 218 14.27 20.89 -11.24
CA ASP D 218 13.95 22.02 -12.06
C ASP D 218 14.17 21.68 -13.52
N SER D 219 14.13 20.40 -13.85
CA SER D 219 14.34 19.96 -15.25
C SER D 219 13.27 20.45 -16.21
N SER D 220 13.71 20.91 -17.37
CA SER D 220 12.82 21.10 -18.50
C SER D 220 13.33 20.40 -19.79
N ILE D 221 12.50 20.35 -20.84
CA ILE D 221 12.88 19.68 -22.10
C ILE D 221 14.08 20.44 -22.67
N PRO D 222 15.22 19.76 -22.91
CA PRO D 222 16.34 20.55 -23.51
C PRO D 222 16.01 21.13 -24.89
N SER D 223 16.71 22.21 -25.27
CA SER D 223 16.48 22.89 -26.52
C SER D 223 16.65 21.95 -27.75
N GLY D 224 15.71 21.91 -28.68
CA GLY D 224 15.84 21.02 -29.87
C GLY D 224 15.97 19.51 -29.61
N SER D 225 15.46 19.05 -28.48
CA SER D 225 15.58 17.62 -28.15
C SER D 225 14.47 16.74 -28.66
N THR D 226 13.87 17.12 -29.81
CA THR D 226 12.93 16.17 -30.49
C THR D 226 13.70 14.95 -31.02
N GLY D 227 13.02 14.04 -31.74
CA GLY D 227 13.72 12.86 -32.25
C GLY D 227 14.58 12.05 -31.30
N ARG D 228 15.83 11.78 -31.75
CA ARG D 228 16.69 10.75 -31.07
C ARG D 228 17.15 11.13 -29.66
N LEU D 229 17.02 12.41 -29.34
CA LEU D 229 17.38 12.92 -27.99
C LEU D 229 16.28 12.57 -26.95
N LEU D 230 15.08 12.18 -27.43
CA LEU D 230 14.01 11.66 -26.58
C LEU D 230 13.42 12.64 -25.56
N GLY D 231 13.66 13.94 -25.76
CA GLY D 231 13.22 14.97 -24.84
C GLY D 231 13.95 14.99 -23.49
N LEU D 232 15.16 14.44 -23.47
CA LEU D 232 15.86 14.12 -22.23
C LEU D 232 17.26 14.84 -22.18
N PHE D 233 17.92 14.96 -23.32
CA PHE D 233 19.34 15.30 -23.41
C PHE D 233 19.59 16.47 -24.38
N PRO D 234 20.52 17.41 -24.06
CA PRO D 234 20.72 18.58 -24.95
C PRO D 234 21.51 18.25 -26.23
N ASP D 235 22.21 17.11 -26.21
CA ASP D 235 23.02 16.68 -27.33
C ASP D 235 23.22 15.17 -27.28
N ALA D 236 23.98 14.61 -28.22
CA ALA D 236 24.10 13.15 -28.20
C ALA D 236 25.41 12.63 -27.62
N ASN D 237 26.16 13.49 -26.94
CA ASN D 237 27.42 13.10 -26.30
C ASN D 237 27.25 11.92 -25.35
#